data_4R6L
#
_entry.id   4R6L
#
_cell.length_a   174.396
_cell.length_b   174.396
_cell.length_c   95.672
_cell.angle_alpha   90.00
_cell.angle_beta   90.00
_cell.angle_gamma   120.00
#
_symmetry.space_group_name_H-M   'P 61'
#
loop_
_entity.id
_entity.type
_entity.pdbx_description
1 polymer 'Bacteriophytochrome (Light-regulated signal transduction histidine kinase), PhyB1'
2 non-polymer 'BILIVERDINE IX ALPHA'
#
_entity_poly.entity_id   1
_entity_poly.type   'polypeptide(L)'
_entity_poly.pdbx_seq_one_letter_code
;MTEGSVARQPDLSTCDDEPIHIPGAIQPHGLLLALAADMTIVAGSDNLPELTGLAIGALIGRSAADVFDSETHNRLTIAL
AEPGAAVGAPIAVGFTMRKDAGFVGSWHRHDQLVFLELEPPQRDVAEPQAFFRRTNSAIRRLQAAETLESACAAAAQEVR
EITGFDRVMIYRFASDFSGEVIAEDRCAEVESYLGLHFPASDIPAQARRLYTINPVRIIPDINYRPVPVTPDLNPVTGRP
IDLSFAILRSVSPVHLEYMRNIGMHGTMSISILRGERLWGLIACHHRKPNYVDLDGRQACELVAQVLAWQIGVMEEQAIT
RQTLKGQAIQRSLINDIEQLHDHRAGLARNSEALLELMGASGLCLHSREGVITIGQTPPGPIIDQLAQLAGRSGGSELFQ
TDRLSTIIPEAGAFAEVASGVLAVPLSRTPPRRVMLWFRPEVAQTVYWAGNPDKSVTAESGRLRPRTSFAAWTEQTHGRA
IAWQPHEVAAAVEIRDLIIDVILRNTKLAAALEHHHHHH
;
_entity_poly.pdbx_strand_id   A,B
#
loop_
_chem_comp.id
_chem_comp.type
_chem_comp.name
_chem_comp.formula
BLA non-polymer 'BILIVERDINE IX ALPHA' 'C33 H34 N4 O6'
#
# COMPACT_ATOMS: atom_id res chain seq x y z
N SER A 13 -12.96 -26.61 -23.77
CA SER A 13 -12.87 -25.36 -23.03
C SER A 13 -12.43 -24.20 -23.92
N THR A 14 -13.24 -23.94 -24.96
CA THR A 14 -13.04 -22.78 -25.83
C THR A 14 -13.32 -21.47 -25.08
N CYS A 15 -13.67 -21.59 -23.81
CA CYS A 15 -13.96 -20.43 -22.97
C CYS A 15 -12.82 -19.44 -23.01
N ASP A 16 -11.59 -19.92 -23.04
CA ASP A 16 -10.45 -19.02 -23.03
C ASP A 16 -10.11 -18.50 -24.43
N ASP A 17 -10.98 -18.75 -25.40
CA ASP A 17 -10.65 -18.37 -26.78
C ASP A 17 -11.49 -17.24 -27.34
N GLU A 18 -12.70 -17.07 -26.82
CA GLU A 18 -13.63 -16.10 -27.41
C GLU A 18 -13.14 -14.65 -27.23
N PRO A 19 -12.96 -13.95 -28.37
CA PRO A 19 -12.44 -12.58 -28.44
C PRO A 19 -13.50 -11.58 -28.00
N ILE A 20 -13.36 -11.15 -26.77
CA ILE A 20 -14.38 -10.39 -26.07
C ILE A 20 -14.23 -8.87 -26.23
N HIS A 21 -13.03 -8.44 -26.61
CA HIS A 21 -12.69 -7.01 -26.73
C HIS A 21 -13.20 -6.37 -28.02
N ILE A 22 -13.58 -7.19 -28.99
CA ILE A 22 -14.12 -6.73 -30.27
C ILE A 22 -15.55 -7.18 -30.58
N PRO A 23 -16.51 -6.81 -29.73
CA PRO A 23 -17.87 -7.34 -29.94
C PRO A 23 -18.56 -6.63 -31.10
N GLY A 24 -17.94 -5.57 -31.61
CA GLY A 24 -18.44 -4.85 -32.78
C GLY A 24 -19.71 -4.10 -32.46
N ALA A 25 -19.99 -3.97 -31.16
CA ALA A 25 -21.18 -3.28 -30.70
C ALA A 25 -20.90 -2.66 -29.34
N ILE A 26 -21.71 -1.70 -28.96
CA ILE A 26 -21.67 -1.16 -27.62
C ILE A 26 -23.05 -1.35 -27.05
N GLN A 27 -23.29 -0.89 -25.83
CA GLN A 27 -24.61 -0.99 -25.22
C GLN A 27 -25.46 0.25 -25.46
N PRO A 28 -26.80 0.07 -25.47
CA PRO A 28 -27.78 1.14 -25.70
C PRO A 28 -27.82 2.24 -24.63
N HIS A 29 -27.32 2.01 -23.42
CA HIS A 29 -27.52 3.00 -22.37
C HIS A 29 -26.65 4.25 -22.60
N GLY A 30 -25.62 4.11 -23.44
CA GLY A 30 -24.77 5.21 -23.83
C GLY A 30 -24.45 5.21 -25.32
N LEU A 31 -23.77 6.24 -25.81
CA LEU A 31 -23.38 6.31 -27.23
C LEU A 31 -21.91 6.73 -27.31
N LEU A 32 -21.23 6.34 -28.38
CA LEU A 32 -19.76 6.37 -28.41
C LEU A 32 -19.17 6.96 -29.69
N LEU A 33 -17.98 7.54 -29.55
CA LEU A 33 -17.24 8.11 -30.69
C LEU A 33 -15.77 7.66 -30.67
N ALA A 34 -15.24 7.36 -31.85
CA ALA A 34 -13.83 7.04 -31.97
C ALA A 34 -13.19 8.09 -32.86
N LEU A 35 -12.19 8.80 -32.36
CA LEU A 35 -11.65 9.92 -33.13
C LEU A 35 -10.14 9.85 -33.28
N ALA A 36 -9.62 10.37 -34.39
CA ALA A 36 -8.18 10.53 -34.59
C ALA A 36 -7.75 11.90 -34.07
N ALA A 37 -6.46 12.19 -34.22
CA ALA A 37 -5.82 13.35 -33.58
C ALA A 37 -6.53 14.69 -33.80
N ASP A 38 -6.98 14.91 -35.04
CA ASP A 38 -7.71 16.14 -35.39
C ASP A 38 -9.22 15.98 -35.39
N MET A 39 -9.71 15.05 -34.58
CA MET A 39 -11.13 14.83 -34.36
C MET A 39 -11.93 14.52 -35.61
N THR A 40 -11.37 13.64 -36.43
CA THR A 40 -12.17 13.06 -37.49
C THR A 40 -12.81 11.92 -36.73
N ILE A 41 -14.14 11.84 -36.70
CA ILE A 41 -14.71 10.81 -35.86
C ILE A 41 -14.60 9.62 -36.79
N VAL A 42 -14.11 8.49 -36.29
CA VAL A 42 -13.87 7.39 -37.19
C VAL A 42 -15.10 6.50 -37.16
N ALA A 43 -15.40 5.91 -36.02
CA ALA A 43 -16.58 5.06 -35.93
C ALA A 43 -17.58 5.68 -34.97
N GLY A 44 -18.71 5.00 -34.77
CA GLY A 44 -19.83 5.60 -34.08
C GLY A 44 -20.88 4.61 -33.62
N SER A 45 -21.53 4.90 -32.51
CA SER A 45 -22.66 4.10 -32.06
C SER A 45 -23.78 4.29 -33.08
N ASP A 46 -24.40 3.20 -33.51
CA ASP A 46 -25.38 3.27 -34.59
C ASP A 46 -26.69 3.89 -34.15
N ASN A 47 -26.72 4.38 -32.90
CA ASN A 47 -27.81 5.22 -32.44
C ASN A 47 -27.41 6.68 -32.50
N LEU A 48 -26.27 6.97 -33.11
CA LEU A 48 -25.87 8.36 -33.29
C LEU A 48 -26.66 9.04 -34.42
N PRO A 49 -27.30 8.25 -35.32
CA PRO A 49 -28.22 9.00 -36.17
C PRO A 49 -29.27 9.72 -35.33
N GLU A 50 -29.67 9.19 -34.17
CA GLU A 50 -30.77 9.83 -33.46
C GLU A 50 -30.22 11.05 -32.71
N LEU A 51 -28.97 11.45 -33.01
CA LEU A 51 -28.32 12.48 -32.22
C LEU A 51 -27.93 13.80 -32.89
N THR A 52 -27.83 13.84 -34.21
CA THR A 52 -27.38 15.05 -34.87
C THR A 52 -28.02 15.20 -36.23
N GLY A 53 -28.85 14.22 -36.57
CA GLY A 53 -29.57 14.26 -37.83
C GLY A 53 -28.92 13.35 -38.83
N LEU A 54 -27.65 13.05 -38.59
CA LEU A 54 -26.86 12.32 -39.56
C LEU A 54 -26.85 10.83 -39.31
N ALA A 55 -27.28 10.06 -40.29
CA ALA A 55 -27.04 8.63 -40.27
C ALA A 55 -25.53 8.41 -40.35
N ILE A 56 -25.08 7.24 -39.91
CA ILE A 56 -23.68 7.03 -39.57
C ILE A 56 -22.66 7.27 -40.69
N GLY A 57 -22.97 6.84 -41.92
CA GLY A 57 -22.06 7.02 -43.04
C GLY A 57 -21.73 8.47 -43.34
N ALA A 58 -22.47 9.37 -42.69
CA ALA A 58 -22.33 10.81 -42.91
C ALA A 58 -21.57 11.50 -41.76
N LEU A 59 -21.73 10.96 -40.55
CA LEU A 59 -20.91 11.32 -39.39
C LEU A 59 -19.45 11.15 -39.76
N ILE A 60 -19.18 10.04 -40.46
CA ILE A 60 -17.83 9.61 -40.74
C ILE A 60 -17.14 10.79 -41.40
N GLY A 61 -15.83 10.93 -41.22
CA GLY A 61 -15.11 12.02 -41.84
C GLY A 61 -15.37 13.40 -41.25
N ARG A 62 -16.49 13.58 -40.58
CA ARG A 62 -16.90 14.93 -40.18
C ARG A 62 -15.98 15.39 -39.07
N SER A 63 -16.00 16.68 -38.77
CA SER A 63 -15.25 17.25 -37.66
C SER A 63 -16.07 17.32 -36.37
N ALA A 64 -15.39 17.46 -35.24
CA ALA A 64 -16.07 17.27 -33.97
C ALA A 64 -16.87 18.48 -33.49
N ALA A 65 -16.31 19.68 -33.61
CA ALA A 65 -16.95 20.87 -33.03
C ALA A 65 -18.36 21.16 -33.51
N ASP A 66 -18.67 20.75 -34.75
CA ASP A 66 -19.94 21.07 -35.38
C ASP A 66 -21.05 20.31 -34.68
N VAL A 67 -20.74 19.05 -34.37
CA VAL A 67 -21.64 18.15 -33.66
C VAL A 67 -22.10 18.87 -32.40
N PHE A 68 -21.09 19.44 -31.76
CA PHE A 68 -21.11 19.96 -30.40
C PHE A 68 -21.62 21.37 -30.15
N ASP A 69 -21.71 21.72 -28.86
CA ASP A 69 -21.71 23.11 -28.41
C ASP A 69 -20.41 23.80 -28.80
N SER A 70 -20.32 25.08 -28.45
CA SER A 70 -19.06 25.80 -28.58
C SER A 70 -18.40 25.76 -27.21
N GLU A 71 -19.24 25.59 -26.19
CA GLU A 71 -18.77 25.32 -24.83
C GLU A 71 -18.05 24.03 -24.74
N THR A 72 -18.75 22.98 -25.20
CA THR A 72 -18.28 21.66 -24.97
C THR A 72 -17.19 21.38 -25.97
N HIS A 73 -17.13 22.14 -27.06
CA HIS A 73 -16.05 21.94 -28.03
C HIS A 73 -14.71 22.18 -27.38
N ASN A 74 -14.52 23.38 -26.83
CA ASN A 74 -13.23 23.81 -26.32
C ASN A 74 -12.77 22.94 -25.14
N ARG A 75 -13.70 22.58 -24.27
CA ARG A 75 -13.37 21.91 -23.00
C ARG A 75 -12.80 20.50 -23.20
N LEU A 76 -13.09 19.86 -24.32
CA LEU A 76 -12.50 18.55 -24.61
C LEU A 76 -11.18 18.74 -25.34
N THR A 77 -11.08 19.82 -26.13
CA THR A 77 -9.80 20.16 -26.79
C THR A 77 -8.67 20.35 -25.79
N ILE A 78 -9.00 20.83 -24.59
CA ILE A 78 -7.98 21.08 -23.57
C ILE A 78 -7.62 19.82 -22.76
N ALA A 79 -8.60 18.95 -22.53
CA ALA A 79 -8.37 17.71 -21.79
C ALA A 79 -7.50 16.75 -22.60
N LEU A 80 -7.53 16.93 -23.92
CA LEU A 80 -6.81 16.08 -24.86
C LEU A 80 -5.35 16.49 -24.95
N ALA A 81 -5.05 17.69 -24.46
CA ALA A 81 -3.74 18.29 -24.62
C ALA A 81 -2.73 17.46 -23.87
N GLU A 82 -3.07 17.12 -22.64
CA GLU A 82 -2.10 16.54 -21.73
C GLU A 82 -1.78 15.13 -22.16
N PRO A 83 -0.49 14.77 -22.15
CA PRO A 83 -0.08 13.61 -22.94
C PRO A 83 -0.25 12.29 -22.21
N GLY A 88 -8.00 9.16 -18.13
CA GLY A 88 -8.46 10.29 -17.34
C GLY A 88 -9.80 10.83 -17.77
N ALA A 89 -10.80 10.66 -16.92
CA ALA A 89 -12.12 11.26 -17.13
C ALA A 89 -12.22 12.46 -16.17
N PRO A 90 -13.37 13.18 -16.12
CA PRO A 90 -14.65 13.27 -16.82
C PRO A 90 -15.04 14.69 -17.25
N ILE A 91 -15.14 14.94 -18.55
CA ILE A 91 -15.73 16.19 -19.02
C ILE A 91 -17.24 16.02 -19.21
N ALA A 92 -17.94 17.13 -19.40
CA ALA A 92 -19.38 17.08 -19.60
C ALA A 92 -19.66 17.44 -21.03
N VAL A 93 -20.47 16.65 -21.72
CA VAL A 93 -20.81 16.98 -23.10
C VAL A 93 -22.19 17.58 -23.21
N GLY A 94 -22.24 18.88 -22.94
CA GLY A 94 -23.44 19.64 -23.25
C GLY A 94 -23.30 20.05 -24.69
N PHE A 95 -23.93 19.34 -25.60
CA PHE A 95 -23.68 19.61 -27.01
C PHE A 95 -24.95 19.86 -27.83
N THR A 96 -24.84 20.80 -28.76
CA THR A 96 -26.00 21.37 -29.46
C THR A 96 -25.89 21.25 -30.97
N ASP A 100 -28.18 21.74 -26.00
CA ASP A 100 -27.64 22.32 -24.77
C ASP A 100 -28.15 21.57 -23.54
N ALA A 101 -28.37 20.27 -23.71
CA ALA A 101 -28.62 19.39 -22.58
C ALA A 101 -27.26 18.90 -22.11
N GLY A 102 -27.21 18.07 -21.06
CA GLY A 102 -25.94 17.69 -20.47
C GLY A 102 -25.58 16.22 -20.50
N PHE A 103 -24.45 15.90 -21.15
CA PHE A 103 -23.97 14.52 -21.22
C PHE A 103 -22.71 14.33 -20.37
N VAL A 104 -22.29 13.07 -20.24
CA VAL A 104 -21.16 12.70 -19.40
C VAL A 104 -20.03 12.14 -20.24
N GLY A 105 -18.86 12.77 -20.18
CA GLY A 105 -17.78 12.45 -21.09
C GLY A 105 -16.60 11.67 -20.52
N SER A 106 -16.66 10.35 -20.58
CA SER A 106 -15.50 9.54 -20.25
C SER A 106 -14.74 9.25 -21.54
N TRP A 107 -13.42 9.23 -21.45
CA TRP A 107 -12.59 9.03 -22.64
C TRP A 107 -11.29 8.34 -22.34
N HIS A 108 -10.52 8.08 -23.40
CA HIS A 108 -9.16 7.56 -23.29
C HIS A 108 -8.53 7.50 -24.66
N ARG A 109 -7.22 7.29 -24.68
CA ARG A 109 -6.54 6.94 -25.90
C ARG A 109 -6.29 5.45 -25.89
N HIS A 110 -6.44 4.82 -27.04
CA HIS A 110 -6.22 3.38 -27.16
C HIS A 110 -6.08 3.06 -28.64
N ASP A 111 -5.39 1.97 -28.96
CA ASP A 111 -4.82 1.82 -30.29
C ASP A 111 -3.98 3.08 -30.50
N GLN A 112 -4.28 3.89 -31.51
CA GLN A 112 -3.71 5.23 -31.56
C GLN A 112 -4.75 6.31 -31.75
N LEU A 113 -6.00 5.93 -31.69
CA LEU A 113 -7.07 6.90 -31.80
C LEU A 113 -7.74 7.13 -30.45
N VAL A 114 -8.39 8.27 -30.31
CA VAL A 114 -9.04 8.62 -29.07
C VAL A 114 -10.50 8.19 -29.06
N PHE A 115 -10.86 7.39 -28.06
CA PHE A 115 -12.24 6.95 -27.89
C PHE A 115 -13.00 7.96 -27.04
N LEU A 116 -14.33 7.88 -27.08
CA LEU A 116 -15.17 8.74 -26.26
C LEU A 116 -16.59 8.19 -26.07
N GLU A 117 -16.94 7.90 -24.83
CA GLU A 117 -18.24 7.33 -24.48
C GLU A 117 -19.08 8.38 -23.76
N LEU A 118 -20.39 8.31 -23.98
CA LEU A 118 -21.31 9.35 -23.50
C LEU A 118 -22.46 8.78 -22.66
N GLU A 119 -22.79 9.51 -21.60
CA GLU A 119 -23.75 9.03 -20.63
C GLU A 119 -24.70 10.16 -20.20
N PRO A 120 -25.99 9.83 -20.06
CA PRO A 120 -27.06 10.67 -19.52
C PRO A 120 -26.81 11.14 -18.07
N PRO A 121 -27.48 12.22 -17.64
CA PRO A 121 -27.34 12.68 -16.26
C PRO A 121 -28.01 11.73 -15.27
N PRO A 128 -20.78 16.39 -4.47
CA PRO A 128 -20.63 17.34 -3.37
C PRO A 128 -20.20 16.69 -2.04
N GLN A 129 -21.14 16.66 -1.10
CA GLN A 129 -20.84 16.43 0.32
C GLN A 129 -21.42 15.17 0.94
N ALA A 130 -22.74 15.01 0.84
CA ALA A 130 -23.45 13.95 1.56
C ALA A 130 -23.09 12.57 1.01
N PHE A 131 -22.83 12.52 -0.28
CA PHE A 131 -22.35 11.34 -0.97
C PHE A 131 -20.96 11.01 -0.43
N PHE A 132 -20.19 12.08 -0.22
CA PHE A 132 -18.78 12.02 0.13
C PHE A 132 -18.50 11.72 1.62
N ARG A 133 -19.37 12.14 2.52
CA ARG A 133 -19.19 11.82 3.94
C ARG A 133 -19.44 10.36 4.09
N ARG A 134 -20.43 9.88 3.35
CA ARG A 134 -20.68 8.45 3.25
C ARG A 134 -19.42 7.69 2.91
N THR A 135 -18.65 8.21 1.96
CA THR A 135 -17.43 7.54 1.53
C THR A 135 -16.35 7.43 2.62
N ASN A 136 -15.89 8.56 3.16
CA ASN A 136 -14.84 8.50 4.20
C ASN A 136 -15.37 7.82 5.45
N SER A 137 -16.67 7.89 5.71
CA SER A 137 -17.19 7.26 6.91
C SER A 137 -16.90 5.78 6.74
N ALA A 138 -16.92 5.33 5.50
CA ALA A 138 -16.59 3.95 5.17
C ALA A 138 -15.18 3.76 4.61
N ILE A 139 -14.50 4.83 4.19
CA ILE A 139 -13.08 4.66 3.89
C ILE A 139 -12.40 4.33 5.19
N ARG A 140 -12.65 5.20 6.16
CA ARG A 140 -12.08 5.11 7.50
C ARG A 140 -12.61 3.87 8.23
N ARG A 141 -13.72 3.32 7.77
CA ARG A 141 -14.23 2.09 8.36
C ARG A 141 -13.35 0.91 7.96
N LEU A 142 -13.03 0.79 6.67
CA LEU A 142 -12.12 -0.25 6.21
C LEU A 142 -10.73 -0.13 6.86
N GLN A 143 -10.46 1.04 7.43
CA GLN A 143 -9.18 1.30 8.03
C GLN A 143 -9.13 0.65 9.40
N ALA A 144 -10.31 0.55 10.02
CA ALA A 144 -10.41 0.02 11.38
C ALA A 144 -10.63 -1.51 11.39
N ALA A 145 -11.06 -2.05 10.25
CA ALA A 145 -11.37 -3.47 10.16
C ALA A 145 -10.19 -4.39 10.53
N GLU A 146 -10.46 -5.26 11.49
CA GLU A 146 -9.44 -6.14 12.07
C GLU A 146 -9.28 -7.46 11.37
N THR A 147 -10.39 -8.01 10.90
CA THR A 147 -10.32 -9.24 10.17
C THR A 147 -10.80 -8.97 8.77
N LEU A 148 -10.40 -9.83 7.85
CA LEU A 148 -10.81 -9.78 6.47
C LEU A 148 -12.33 -9.75 6.40
N GLU A 149 -12.95 -10.52 7.28
CA GLU A 149 -14.39 -10.68 7.29
C GLU A 149 -15.05 -9.44 7.88
N SER A 150 -14.40 -8.77 8.82
CA SER A 150 -14.97 -7.53 9.34
C SER A 150 -14.76 -6.45 8.28
N ALA A 151 -13.75 -6.63 7.45
CA ALA A 151 -13.47 -5.74 6.33
C ALA A 151 -14.36 -5.94 5.10
N CYS A 152 -14.66 -7.20 4.79
CA CYS A 152 -15.32 -7.50 3.53
C CYS A 152 -16.83 -7.40 3.66
N ALA A 153 -17.36 -7.64 4.85
CA ALA A 153 -18.77 -7.36 5.09
C ALA A 153 -18.88 -5.86 5.36
N ALA A 154 -17.73 -5.19 5.45
CA ALA A 154 -17.67 -3.74 5.44
C ALA A 154 -17.56 -3.22 4.02
N ALA A 155 -16.61 -3.76 3.25
CA ALA A 155 -16.50 -3.43 1.82
C ALA A 155 -17.84 -3.59 1.09
N ALA A 156 -18.31 -4.83 1.01
CA ALA A 156 -19.58 -5.19 0.39
C ALA A 156 -20.73 -4.35 0.91
N GLN A 157 -20.71 -4.03 2.20
CA GLN A 157 -21.80 -3.24 2.78
C GLN A 157 -21.82 -1.88 2.17
N GLU A 158 -20.70 -1.17 2.23
CA GLU A 158 -20.68 0.18 1.65
C GLU A 158 -20.96 0.21 0.16
N VAL A 159 -20.35 -0.68 -0.61
CA VAL A 159 -20.63 -0.73 -2.05
C VAL A 159 -22.13 -0.83 -2.28
N ARG A 160 -22.82 -1.49 -1.36
CA ARG A 160 -24.26 -1.59 -1.45
C ARG A 160 -24.99 -0.30 -1.03
N GLU A 161 -24.58 0.35 0.07
CA GLU A 161 -25.28 1.58 0.47
C GLU A 161 -25.11 2.68 -0.58
N ILE A 162 -24.25 2.48 -1.56
CA ILE A 162 -24.03 3.53 -2.55
C ILE A 162 -24.31 3.12 -4.00
N THR A 163 -24.50 1.83 -4.25
CA THR A 163 -24.94 1.39 -5.57
C THR A 163 -26.28 0.72 -5.45
N GLY A 164 -26.79 0.64 -4.23
CA GLY A 164 -28.15 0.17 -4.00
C GLY A 164 -28.48 -1.23 -4.44
N PHE A 165 -27.55 -1.90 -5.11
CA PHE A 165 -27.79 -3.23 -5.69
C PHE A 165 -28.41 -4.16 -4.66
N ASP A 166 -29.30 -5.05 -5.09
CA ASP A 166 -29.98 -5.97 -4.16
C ASP A 166 -29.00 -6.89 -3.47
N ARG A 167 -27.92 -7.21 -4.17
CA ARG A 167 -26.89 -8.10 -3.65
C ARG A 167 -25.48 -7.62 -3.94
N VAL A 168 -24.66 -7.53 -2.89
CA VAL A 168 -23.28 -7.15 -3.08
C VAL A 168 -22.33 -8.16 -2.45
N MET A 169 -21.74 -8.99 -3.30
CA MET A 169 -20.86 -10.08 -2.87
C MET A 169 -19.39 -9.79 -3.13
N ILE A 170 -18.51 -10.37 -2.32
CA ILE A 170 -17.07 -10.35 -2.61
C ILE A 170 -16.54 -11.78 -2.80
N TYR A 171 -15.74 -11.90 -3.86
CA TYR A 171 -15.33 -13.14 -4.50
C TYR A 171 -13.83 -13.32 -4.35
N ARG A 172 -13.39 -14.32 -3.61
CA ARG A 172 -11.95 -14.57 -3.57
C ARG A 172 -11.49 -15.48 -4.70
N PHE A 173 -10.36 -15.16 -5.32
CA PHE A 173 -9.72 -16.08 -6.26
C PHE A 173 -8.76 -17.00 -5.53
N ALA A 174 -8.83 -18.30 -5.86
CA ALA A 174 -7.84 -19.26 -5.39
C ALA A 174 -6.64 -19.31 -6.33
N SER A 175 -5.77 -20.30 -6.13
CA SER A 175 -4.56 -20.44 -6.91
C SER A 175 -4.95 -20.74 -8.35
N ASP A 176 -5.89 -21.66 -8.53
CA ASP A 176 -6.48 -22.01 -9.84
C ASP A 176 -7.26 -20.94 -10.60
N PHE A 177 -7.66 -19.88 -9.90
CA PHE A 177 -8.52 -18.81 -10.40
C PHE A 177 -9.96 -19.31 -10.39
N SER A 178 -10.20 -20.36 -9.61
CA SER A 178 -11.53 -20.67 -9.12
C SER A 178 -11.81 -19.70 -7.98
N GLY A 179 -13.01 -19.75 -7.41
CA GLY A 179 -13.36 -18.71 -6.47
C GLY A 179 -14.26 -19.07 -5.31
N GLU A 180 -14.42 -18.14 -4.39
CA GLU A 180 -15.27 -18.35 -3.23
C GLU A 180 -15.85 -17.06 -2.70
N VAL A 181 -17.17 -17.03 -2.53
CA VAL A 181 -17.81 -15.90 -1.88
C VAL A 181 -17.39 -15.88 -0.42
N ILE A 182 -16.53 -14.95 -0.03
CA ILE A 182 -15.99 -14.96 1.32
C ILE A 182 -16.77 -13.98 2.18
N ALA A 183 -17.37 -12.97 1.53
CA ALA A 183 -18.34 -12.12 2.20
C ALA A 183 -19.46 -11.72 1.24
N GLU A 184 -20.51 -11.15 1.80
CA GLU A 184 -21.73 -10.84 1.07
C GLU A 184 -22.56 -9.85 1.86
N ASP A 185 -23.20 -8.91 1.19
CA ASP A 185 -24.19 -8.08 1.86
C ASP A 185 -25.34 -7.94 0.93
N ARG A 186 -26.54 -8.22 1.41
CA ARG A 186 -27.61 -8.23 0.44
C ARG A 186 -28.92 -7.84 1.17
N CYS A 187 -29.79 -7.18 0.41
CA CYS A 187 -31.10 -6.78 0.89
C CYS A 187 -31.84 -8.05 1.16
N ALA A 188 -32.74 -8.02 2.14
CA ALA A 188 -33.52 -9.20 2.45
C ALA A 188 -34.26 -9.64 1.19
N GLU A 189 -34.81 -10.86 1.23
CA GLU A 189 -35.52 -11.53 0.11
C GLU A 189 -34.58 -11.92 -1.01
N VAL A 190 -33.29 -11.62 -0.92
CA VAL A 190 -32.39 -11.97 -2.00
C VAL A 190 -31.62 -13.21 -1.59
N GLU A 191 -31.80 -14.26 -2.39
CA GLU A 191 -31.29 -15.58 -2.04
C GLU A 191 -29.77 -15.53 -1.97
N SER A 192 -29.18 -16.31 -1.07
CA SER A 192 -27.78 -16.12 -0.73
C SER A 192 -26.80 -17.13 -1.30
N TYR A 193 -25.71 -16.59 -1.84
CA TYR A 193 -24.65 -17.39 -2.44
C TYR A 193 -23.44 -17.13 -1.56
N LEU A 194 -23.52 -17.47 -0.29
CA LEU A 194 -22.41 -17.20 0.64
C LEU A 194 -21.57 -18.43 1.00
N GLY A 195 -20.26 -18.25 0.95
CA GLY A 195 -19.34 -19.34 1.25
C GLY A 195 -19.29 -20.29 0.08
N LEU A 196 -19.96 -19.90 -1.01
CA LEU A 196 -20.06 -20.76 -2.17
C LEU A 196 -18.85 -20.61 -3.07
N HIS A 197 -18.42 -21.75 -3.61
CA HIS A 197 -17.30 -21.81 -4.50
C HIS A 197 -17.82 -21.66 -5.91
N PHE A 198 -17.01 -21.11 -6.81
CA PHE A 198 -17.36 -21.07 -8.22
C PHE A 198 -16.19 -21.58 -9.04
N PRO A 199 -16.48 -22.20 -10.19
CA PRO A 199 -15.40 -22.78 -11.01
C PRO A 199 -14.46 -21.74 -11.59
N ALA A 200 -13.29 -22.19 -12.02
CA ALA A 200 -12.33 -21.30 -12.66
C ALA A 200 -12.84 -20.90 -14.04
N SER A 201 -13.88 -21.59 -14.50
CA SER A 201 -14.44 -21.36 -15.82
C SER A 201 -15.43 -20.18 -15.85
N ASP A 202 -16.08 -19.87 -14.72
CA ASP A 202 -17.07 -18.79 -14.72
C ASP A 202 -16.44 -17.43 -15.03
N ILE A 203 -15.11 -17.35 -14.95
CA ILE A 203 -14.39 -16.30 -15.65
C ILE A 203 -13.15 -16.92 -16.28
N PRO A 204 -13.20 -17.09 -17.61
CA PRO A 204 -12.15 -17.69 -18.43
C PRO A 204 -10.95 -16.77 -18.57
N ALA A 205 -9.92 -17.27 -19.23
CA ALA A 205 -8.64 -16.56 -19.35
C ALA A 205 -8.71 -15.08 -19.78
N GLN A 206 -9.27 -14.75 -20.96
CA GLN A 206 -9.20 -13.38 -21.46
C GLN A 206 -9.82 -12.38 -20.52
N ALA A 207 -11.02 -12.71 -20.04
CA ALA A 207 -11.76 -11.82 -19.15
C ALA A 207 -10.86 -11.38 -18.02
N ARG A 208 -10.12 -12.34 -17.46
CA ARG A 208 -9.20 -12.03 -16.37
C ARG A 208 -8.01 -11.20 -16.87
N ARG A 209 -7.52 -11.51 -18.06
CA ARG A 209 -6.37 -10.76 -18.59
C ARG A 209 -6.68 -9.29 -18.75
N LEU A 210 -7.95 -8.96 -19.03
CA LEU A 210 -8.36 -7.56 -19.15
C LEU A 210 -8.89 -7.03 -17.81
N TYR A 211 -9.55 -7.86 -17.00
CA TYR A 211 -10.06 -7.38 -15.71
C TYR A 211 -8.91 -7.06 -14.77
N THR A 212 -7.73 -7.54 -15.15
CA THR A 212 -6.52 -7.20 -14.42
C THR A 212 -6.15 -5.76 -14.73
N ILE A 213 -6.50 -5.31 -15.93
CA ILE A 213 -6.14 -3.98 -16.44
C ILE A 213 -7.35 -3.04 -16.61
N ASN A 214 -8.48 -3.57 -17.05
CA ASN A 214 -9.75 -2.85 -16.91
C ASN A 214 -10.38 -3.24 -15.59
N PRO A 215 -10.26 -2.35 -14.59
CA PRO A 215 -10.59 -2.74 -13.22
C PRO A 215 -12.09 -2.74 -12.95
N VAL A 216 -12.90 -2.32 -13.91
CA VAL A 216 -14.33 -2.12 -13.66
C VAL A 216 -15.22 -2.44 -14.87
N ARG A 217 -16.44 -2.89 -14.61
CA ARG A 217 -17.41 -3.20 -15.63
C ARG A 217 -18.80 -3.09 -15.04
N ILE A 218 -19.72 -2.49 -15.78
CA ILE A 218 -21.11 -2.52 -15.38
C ILE A 218 -21.96 -2.92 -16.58
N ILE A 219 -22.77 -3.96 -16.40
CA ILE A 219 -23.80 -4.22 -17.38
C ILE A 219 -25.13 -4.04 -16.66
N PRO A 220 -25.96 -3.13 -17.19
CA PRO A 220 -27.13 -2.77 -16.41
C PRO A 220 -28.39 -3.54 -16.81
N ASP A 221 -28.57 -3.80 -18.10
CA ASP A 221 -29.60 -4.75 -18.52
C ASP A 221 -28.92 -5.87 -19.30
N ILE A 222 -29.28 -7.11 -18.99
CA ILE A 222 -28.65 -8.27 -19.61
C ILE A 222 -29.41 -8.82 -20.83
N ASN A 223 -30.57 -8.23 -21.15
CA ASN A 223 -31.24 -8.59 -22.39
C ASN A 223 -31.31 -7.36 -23.28
N TYR A 224 -30.41 -6.41 -23.00
CA TYR A 224 -30.14 -5.27 -23.87
C TYR A 224 -29.88 -5.68 -25.30
N ARG A 225 -30.41 -4.90 -26.24
CA ARG A 225 -30.10 -5.10 -27.65
C ARG A 225 -28.92 -4.21 -28.03
N PRO A 226 -27.83 -4.83 -28.51
CA PRO A 226 -26.56 -4.12 -28.72
C PRO A 226 -26.66 -3.10 -29.85
N VAL A 227 -26.06 -1.94 -29.65
CA VAL A 227 -26.01 -0.94 -30.69
C VAL A 227 -24.66 -1.01 -31.37
N PRO A 228 -24.63 -1.53 -32.61
CA PRO A 228 -23.35 -1.80 -33.26
C PRO A 228 -22.60 -0.49 -33.49
N VAL A 229 -21.32 -0.61 -33.83
CA VAL A 229 -20.57 0.54 -34.30
C VAL A 229 -20.27 0.33 -35.77
N THR A 230 -20.39 1.41 -36.54
CA THR A 230 -20.16 1.35 -37.98
C THR A 230 -19.14 2.40 -38.36
N PRO A 231 -17.98 1.95 -38.91
CA PRO A 231 -17.70 0.56 -39.22
C PRO A 231 -17.10 -0.20 -38.03
N ASP A 232 -16.63 -1.40 -38.29
CA ASP A 232 -15.83 -2.13 -37.31
C ASP A 232 -14.38 -2.03 -37.75
N LEU A 233 -13.95 -0.85 -38.16
CA LEU A 233 -12.59 -0.77 -38.65
C LEU A 233 -11.72 0.29 -38.02
N ASN A 234 -10.51 -0.13 -37.68
CA ASN A 234 -9.44 0.76 -37.31
C ASN A 234 -8.92 1.35 -38.60
N PRO A 235 -9.01 2.67 -38.75
CA PRO A 235 -8.43 3.33 -39.91
C PRO A 235 -6.94 3.45 -39.66
N VAL A 236 -6.60 3.45 -38.38
CA VAL A 236 -5.24 3.56 -37.90
C VAL A 236 -4.44 2.33 -38.35
N THR A 237 -4.88 1.14 -37.90
CA THR A 237 -4.26 -0.11 -38.34
C THR A 237 -5.26 -1.11 -38.97
N GLY A 238 -4.71 -2.20 -39.47
CA GLY A 238 -5.50 -3.28 -40.06
C GLY A 238 -6.31 -4.02 -39.01
N ARG A 239 -7.32 -3.35 -38.45
CA ARG A 239 -8.06 -3.95 -37.35
C ARG A 239 -9.54 -3.71 -37.17
N PRO A 240 -10.21 -4.63 -36.48
CA PRO A 240 -11.49 -4.38 -35.82
C PRO A 240 -11.26 -3.42 -34.64
N ILE A 241 -12.33 -2.88 -34.07
CA ILE A 241 -12.21 -1.92 -32.97
C ILE A 241 -11.97 -2.53 -31.59
N ASP A 242 -10.76 -2.35 -31.08
CA ASP A 242 -10.43 -2.72 -29.71
C ASP A 242 -11.27 -1.92 -28.71
N LEU A 243 -12.18 -2.60 -28.03
CA LEU A 243 -13.11 -1.93 -27.13
C LEU A 243 -12.75 -2.27 -25.69
N SER A 244 -11.45 -2.33 -25.43
CA SER A 244 -10.91 -2.77 -24.16
C SER A 244 -11.30 -1.83 -23.03
N PHE A 245 -10.99 -0.55 -23.21
CA PHE A 245 -11.23 0.47 -22.21
C PHE A 245 -12.65 1.02 -22.37
N ALA A 246 -13.48 0.29 -23.11
CA ALA A 246 -14.89 0.61 -23.21
C ALA A 246 -15.67 0.18 -21.98
N ILE A 247 -16.48 1.09 -21.45
CA ILE A 247 -17.38 0.75 -20.37
C ILE A 247 -18.68 0.39 -21.03
N LEU A 248 -18.74 0.64 -22.33
CA LEU A 248 -19.96 0.47 -23.08
C LEU A 248 -19.95 -0.79 -23.93
N ARG A 249 -18.80 -1.43 -24.04
CA ARG A 249 -18.62 -2.56 -24.94
C ARG A 249 -19.70 -3.62 -24.73
N SER A 250 -20.05 -4.32 -25.81
CA SER A 250 -20.96 -5.45 -25.71
C SER A 250 -20.21 -6.64 -25.14
N VAL A 251 -20.86 -7.38 -24.27
CA VAL A 251 -20.24 -8.55 -23.66
C VAL A 251 -20.72 -9.84 -24.32
N SER A 252 -20.09 -10.94 -23.95
CA SER A 252 -20.47 -12.27 -24.46
C SER A 252 -21.94 -12.58 -24.22
N PRO A 253 -22.57 -13.24 -25.21
CA PRO A 253 -23.96 -13.68 -25.01
C PRO A 253 -24.02 -14.83 -24.00
N VAL A 254 -22.94 -15.58 -23.89
CA VAL A 254 -22.84 -16.69 -22.95
C VAL A 254 -22.91 -16.21 -21.51
N HIS A 255 -22.18 -15.15 -21.19
CA HIS A 255 -22.26 -14.59 -19.85
C HIS A 255 -23.61 -13.93 -19.61
N LEU A 256 -24.40 -13.76 -20.67
CA LEU A 256 -25.74 -13.25 -20.48
C LEU A 256 -26.74 -14.36 -20.15
N GLU A 257 -26.76 -15.39 -20.99
CA GLU A 257 -27.45 -16.65 -20.67
C GLU A 257 -27.14 -17.08 -19.24
N TYR A 258 -25.89 -16.88 -18.85
CA TYR A 258 -25.43 -17.11 -17.50
C TYR A 258 -26.33 -16.38 -16.51
N MET A 259 -26.57 -15.09 -16.75
CA MET A 259 -27.13 -14.26 -15.70
C MET A 259 -28.66 -14.23 -15.78
N ARG A 260 -29.24 -14.77 -16.84
CA ARG A 260 -30.70 -14.99 -16.87
C ARG A 260 -30.95 -16.25 -16.09
N ASN A 261 -30.02 -17.18 -16.25
CA ASN A 261 -30.05 -18.42 -15.50
C ASN A 261 -30.03 -18.07 -14.02
N ILE A 262 -29.01 -17.30 -13.63
CA ILE A 262 -28.81 -16.93 -12.23
C ILE A 262 -30.01 -16.12 -11.71
N GLY A 263 -30.72 -15.45 -12.62
CA GLY A 263 -31.94 -14.74 -12.29
C GLY A 263 -31.72 -13.29 -11.89
N MET A 264 -30.48 -12.83 -12.02
CA MET A 264 -30.14 -11.44 -11.76
C MET A 264 -29.97 -10.71 -13.09
N HIS A 265 -30.80 -9.69 -13.30
CA HIS A 265 -30.86 -9.04 -14.59
C HIS A 265 -30.08 -7.71 -14.63
N GLY A 266 -29.55 -7.30 -13.48
CA GLY A 266 -28.67 -6.14 -13.39
C GLY A 266 -27.39 -6.48 -12.64
N THR A 267 -26.23 -6.35 -13.27
CA THR A 267 -24.98 -6.70 -12.59
C THR A 267 -23.79 -5.77 -12.81
N MET A 268 -22.90 -5.74 -11.82
CA MET A 268 -21.67 -4.95 -11.93
C MET A 268 -20.52 -5.62 -11.17
N SER A 269 -19.31 -5.48 -11.70
CA SER A 269 -18.13 -5.99 -11.02
C SER A 269 -17.10 -4.91 -10.73
N ILE A 270 -16.22 -5.18 -9.77
CA ILE A 270 -15.00 -4.42 -9.59
C ILE A 270 -13.85 -5.39 -9.41
N SER A 271 -12.72 -5.09 -10.05
CA SER A 271 -11.56 -5.92 -9.93
C SER A 271 -10.80 -5.45 -8.70
N ILE A 272 -10.37 -6.40 -7.87
CA ILE A 272 -9.62 -6.08 -6.67
C ILE A 272 -8.19 -6.54 -6.88
N LEU A 273 -7.27 -5.59 -7.05
CA LEU A 273 -5.92 -5.93 -7.46
C LEU A 273 -4.88 -5.65 -6.38
N ARG A 274 -4.27 -6.68 -5.79
CA ARG A 274 -3.07 -6.47 -4.99
C ARG A 274 -1.87 -6.68 -5.87
N GLY A 275 -1.32 -5.60 -6.39
CA GLY A 275 -0.07 -5.67 -7.12
C GLY A 275 -0.13 -6.50 -8.39
N GLU A 276 -1.04 -6.16 -9.28
CA GLU A 276 -1.06 -6.64 -10.66
C GLU A 276 -1.35 -8.15 -10.75
N ARG A 277 -1.75 -8.74 -9.62
CA ARG A 277 -2.28 -10.09 -9.64
C ARG A 277 -3.71 -9.90 -9.24
N LEU A 278 -4.60 -10.35 -10.12
CA LEU A 278 -6.01 -10.18 -9.89
C LEU A 278 -6.37 -11.08 -8.70
N TRP A 279 -6.74 -10.46 -7.58
CA TRP A 279 -6.88 -11.15 -6.30
C TRP A 279 -8.29 -11.66 -6.08
N GLY A 280 -9.27 -10.85 -6.46
CA GLY A 280 -10.67 -11.21 -6.30
C GLY A 280 -11.56 -10.17 -6.95
N LEU A 281 -12.85 -10.23 -6.67
CA LEU A 281 -13.80 -9.38 -7.38
C LEU A 281 -15.00 -9.00 -6.52
N ILE A 282 -15.34 -7.71 -6.51
CA ILE A 282 -16.63 -7.28 -5.99
C ILE A 282 -17.70 -7.44 -7.08
N ALA A 283 -18.43 -8.54 -7.05
CA ALA A 283 -19.51 -8.74 -8.01
C ALA A 283 -20.82 -8.35 -7.38
N CYS A 284 -21.45 -7.30 -7.90
CA CYS A 284 -22.73 -6.86 -7.37
C CYS A 284 -23.83 -7.43 -8.26
N HIS A 285 -25.05 -7.51 -7.74
CA HIS A 285 -26.15 -8.18 -8.45
C HIS A 285 -27.47 -7.47 -8.18
N HIS A 286 -28.45 -7.65 -9.07
CA HIS A 286 -29.77 -7.03 -8.91
C HIS A 286 -30.83 -7.86 -9.65
N ARG A 287 -32.02 -8.01 -9.06
CA ARG A 287 -33.07 -8.85 -9.65
C ARG A 287 -33.61 -8.21 -10.94
N LYS A 288 -33.77 -6.89 -10.88
CA LYS A 288 -34.20 -6.09 -12.01
C LYS A 288 -32.99 -5.30 -12.55
N PRO A 289 -33.10 -4.65 -13.73
CA PRO A 289 -31.98 -3.80 -14.14
C PRO A 289 -31.74 -2.60 -13.21
N ASN A 290 -30.50 -2.11 -13.18
CA ASN A 290 -30.18 -0.92 -12.39
C ASN A 290 -28.88 -0.25 -12.85
N TYR A 291 -28.92 1.08 -12.87
CA TYR A 291 -27.86 1.89 -13.45
C TYR A 291 -27.00 2.59 -12.39
N VAL A 292 -25.68 2.51 -12.51
CA VAL A 292 -24.83 3.30 -11.63
C VAL A 292 -24.07 4.37 -12.40
N ASP A 293 -24.35 5.64 -12.09
CA ASP A 293 -23.70 6.74 -12.76
C ASP A 293 -22.21 6.78 -12.44
N LEU A 294 -21.49 7.68 -13.10
CA LEU A 294 -20.04 7.69 -13.08
C LEU A 294 -19.57 7.87 -11.64
N ASP A 295 -20.05 8.92 -10.99
CA ASP A 295 -19.76 9.17 -9.58
C ASP A 295 -20.03 7.98 -8.66
N GLY A 296 -21.08 7.23 -8.97
CA GLY A 296 -21.48 6.16 -8.08
C GLY A 296 -20.51 5.01 -8.15
N ARG A 297 -20.03 4.70 -9.35
CA ARG A 297 -19.02 3.68 -9.52
C ARG A 297 -17.64 4.32 -9.56
N GLN A 298 -17.59 5.64 -9.39
CA GLN A 298 -16.28 6.24 -9.18
C GLN A 298 -15.88 5.91 -7.76
N ALA A 299 -16.80 6.14 -6.82
CA ALA A 299 -16.57 5.83 -5.40
C ALA A 299 -16.22 4.38 -5.23
N CYS A 300 -16.90 3.56 -6.00
CA CYS A 300 -16.71 2.12 -5.93
C CYS A 300 -15.33 1.64 -6.33
N GLU A 301 -14.72 2.24 -7.35
CA GLU A 301 -13.35 1.89 -7.70
C GLU A 301 -12.50 2.10 -6.45
N LEU A 302 -12.74 3.22 -5.76
CA LEU A 302 -12.01 3.57 -4.54
C LEU A 302 -12.15 2.54 -3.43
N VAL A 303 -13.33 1.93 -3.29
CA VAL A 303 -13.54 0.92 -2.26
C VAL A 303 -12.67 -0.31 -2.49
N ALA A 304 -12.61 -0.81 -3.73
CA ALA A 304 -11.76 -1.94 -4.02
C ALA A 304 -10.29 -1.55 -3.87
N GLN A 305 -9.98 -0.29 -4.17
CA GLN A 305 -8.63 0.23 -3.94
C GLN A 305 -8.26 0.29 -2.46
N VAL A 306 -9.18 0.80 -1.64
CA VAL A 306 -8.97 0.92 -0.20
C VAL A 306 -8.82 -0.46 0.42
N LEU A 307 -9.56 -1.42 -0.12
CA LEU A 307 -9.60 -2.77 0.43
C LEU A 307 -8.40 -3.61 0.00
N ALA A 308 -7.93 -3.39 -1.22
CA ALA A 308 -6.72 -4.06 -1.71
C ALA A 308 -5.54 -3.67 -0.84
N TRP A 309 -5.69 -2.55 -0.16
CA TRP A 309 -4.74 -2.02 0.77
C TRP A 309 -4.79 -2.74 2.09
N GLN A 310 -6.00 -2.83 2.62
CA GLN A 310 -6.20 -3.41 3.94
C GLN A 310 -5.89 -4.89 3.92
N ILE A 311 -6.26 -5.56 2.83
CA ILE A 311 -5.91 -6.96 2.63
C ILE A 311 -4.41 -7.14 2.75
N GLY A 312 -3.65 -6.19 2.22
CA GLY A 312 -2.21 -6.21 2.36
C GLY A 312 -1.68 -5.83 3.74
N VAL A 313 -2.46 -5.03 4.48
CA VAL A 313 -2.10 -4.68 5.85
C VAL A 313 -2.35 -5.85 6.79
N MET A 314 -3.61 -6.27 6.89
CA MET A 314 -3.96 -7.46 7.66
C MET A 314 -3.06 -8.65 7.29
N GLU A 315 -2.72 -8.77 6.00
CA GLU A 315 -1.77 -9.78 5.55
C GLU A 315 -0.42 -9.73 6.26
N GLU A 316 0.03 -8.51 6.52
CA GLU A 316 1.39 -8.20 6.95
C GLU A 316 1.47 -7.86 8.42
N GLN A 317 0.35 -7.47 9.00
CA GLN A 317 0.27 -7.20 10.42
C GLN A 317 -0.03 -8.49 11.16
N ALA A 318 -0.41 -9.53 10.42
CA ALA A 318 -0.56 -10.86 11.00
C ALA A 318 0.79 -11.56 11.02
N ILE A 319 1.62 -11.27 10.04
CA ILE A 319 2.97 -11.81 9.95
C ILE A 319 3.83 -11.33 11.13
N THR A 320 3.32 -10.35 11.88
CA THR A 320 4.04 -9.85 13.04
C THR A 320 3.45 -10.34 14.35
N ARG A 321 2.21 -10.82 14.32
CA ARG A 321 1.62 -11.37 15.53
C ARG A 321 1.80 -12.89 15.62
N GLN A 322 2.24 -13.51 14.52
CA GLN A 322 2.63 -14.92 14.55
C GLN A 322 4.13 -14.92 14.86
N THR A 323 4.81 -13.87 14.41
CA THR A 323 6.24 -13.74 14.65
C THR A 323 6.33 -13.39 16.13
N LEU A 324 5.19 -12.97 16.67
CA LEU A 324 5.03 -12.67 18.08
C LEU A 324 5.05 -13.92 18.97
N LYS A 325 4.11 -14.85 18.80
CA LYS A 325 4.03 -15.95 19.77
C LYS A 325 4.98 -17.07 19.45
N GLY A 326 5.88 -16.84 18.49
CA GLY A 326 6.94 -17.78 18.23
C GLY A 326 8.11 -17.37 19.09
N GLN A 327 7.90 -16.35 19.91
CA GLN A 327 8.92 -15.83 20.81
C GLN A 327 9.24 -16.75 21.98
N ALA A 328 8.20 -17.07 22.76
CA ALA A 328 8.35 -17.78 24.02
C ALA A 328 8.87 -19.19 23.79
N ILE A 329 8.35 -19.82 22.75
CA ILE A 329 8.66 -21.18 22.40
C ILE A 329 9.96 -21.33 21.58
N GLN A 330 10.39 -20.26 20.91
CA GLN A 330 11.70 -20.26 20.22
C GLN A 330 12.81 -20.25 21.25
N ARG A 331 12.75 -19.28 22.15
CA ARG A 331 13.77 -19.02 23.17
C ARG A 331 13.99 -20.32 23.96
N SER A 332 12.93 -21.12 24.04
CA SER A 332 12.98 -22.48 24.56
C SER A 332 14.06 -23.33 23.88
N LEU A 333 14.05 -23.40 22.55
CA LEU A 333 15.04 -24.22 21.84
C LEU A 333 16.35 -23.51 21.53
N ILE A 334 16.61 -22.40 22.21
CA ILE A 334 17.87 -21.70 22.05
C ILE A 334 18.70 -22.14 23.23
N ASN A 335 18.08 -22.00 24.39
CA ASN A 335 18.53 -22.61 25.63
C ASN A 335 18.70 -24.13 25.49
N ASP A 336 18.02 -24.71 24.52
CA ASP A 336 18.07 -26.16 24.30
C ASP A 336 19.10 -26.62 23.27
N ILE A 337 19.69 -25.70 22.51
CA ILE A 337 20.79 -26.07 21.62
C ILE A 337 22.07 -25.48 22.20
N GLU A 338 21.88 -24.53 23.11
CA GLU A 338 22.97 -23.97 23.88
C GLU A 338 23.43 -24.95 24.93
N GLN A 339 22.49 -25.73 25.43
CA GLN A 339 22.76 -26.77 26.42
C GLN A 339 23.16 -28.10 25.79
N LEU A 340 22.52 -28.46 24.67
CA LEU A 340 22.72 -29.80 24.09
C LEU A 340 23.70 -29.87 22.95
N HIS A 341 23.75 -28.83 22.13
CA HIS A 341 24.83 -28.67 21.20
C HIS A 341 24.84 -29.84 20.23
N ASP A 342 23.63 -30.30 20.01
CA ASP A 342 23.16 -30.77 18.73
C ASP A 342 21.74 -30.23 18.73
N HIS A 343 21.26 -29.84 17.58
CA HIS A 343 20.08 -28.98 17.49
C HIS A 343 18.89 -29.89 17.39
N ARG A 344 19.13 -31.01 16.72
CA ARG A 344 18.15 -32.03 16.49
C ARG A 344 17.71 -32.59 17.85
N ALA A 345 18.67 -32.92 18.70
CA ALA A 345 18.33 -33.33 20.07
C ALA A 345 17.60 -32.23 20.85
N GLY A 346 17.96 -30.98 20.60
CA GLY A 346 17.31 -29.85 21.26
C GLY A 346 15.95 -29.53 20.68
N LEU A 347 15.91 -29.18 19.39
CA LEU A 347 14.66 -28.87 18.71
C LEU A 347 13.66 -30.03 18.79
N ALA A 348 14.11 -31.27 18.60
CA ALA A 348 13.18 -32.40 18.61
C ALA A 348 12.69 -32.71 20.04
N ARG A 349 13.32 -32.07 21.03
CA ARG A 349 12.81 -32.08 22.41
C ARG A 349 11.69 -31.09 22.51
N ASN A 350 11.89 -29.94 21.87
CA ASN A 350 10.90 -28.86 21.77
C ASN A 350 9.88 -29.18 20.70
N SER A 351 9.89 -30.43 20.25
CA SER A 351 9.04 -30.86 19.16
C SER A 351 7.55 -30.86 19.47
N GLU A 352 7.19 -31.17 20.71
CA GLU A 352 5.78 -31.27 21.03
C GLU A 352 5.03 -29.94 20.96
N ALA A 353 5.72 -28.82 21.05
CA ALA A 353 5.07 -27.51 20.88
C ALA A 353 5.27 -26.88 19.50
N LEU A 354 6.51 -26.87 18.99
CA LEU A 354 6.75 -26.16 17.74
C LEU A 354 6.06 -26.77 16.53
N LEU A 355 5.67 -28.04 16.58
CA LEU A 355 4.90 -28.57 15.46
C LEU A 355 3.40 -28.21 15.62
N GLU A 356 2.93 -27.94 16.84
CA GLU A 356 1.62 -27.32 16.98
C GLU A 356 1.64 -25.82 16.67
N LEU A 357 2.83 -25.23 16.69
CA LEU A 357 2.96 -23.80 16.42
C LEU A 357 2.46 -23.48 15.02
N MET A 358 2.84 -24.32 14.09
CA MET A 358 2.46 -24.12 12.72
C MET A 358 1.52 -25.26 12.41
N GLY A 359 0.88 -25.73 13.47
CA GLY A 359 -0.05 -26.84 13.41
C GLY A 359 0.35 -27.98 12.52
N ALA A 360 1.63 -28.36 12.53
CA ALA A 360 2.11 -29.49 11.73
C ALA A 360 1.90 -30.81 12.49
N SER A 361 1.66 -31.89 11.76
CA SER A 361 1.42 -33.19 12.39
C SER A 361 2.69 -33.79 12.97
N GLY A 362 3.73 -33.79 12.16
CA GLY A 362 5.06 -34.15 12.59
C GLY A 362 5.97 -33.42 11.65
N LEU A 363 7.26 -33.45 11.89
CA LEU A 363 8.17 -32.93 10.89
C LEU A 363 9.28 -33.95 10.76
N CYS A 364 10.21 -33.68 9.86
CA CYS A 364 11.43 -34.46 9.83
C CYS A 364 12.55 -33.55 9.39
N LEU A 365 13.74 -33.85 9.86
CA LEU A 365 14.94 -33.14 9.45
C LEU A 365 15.67 -34.06 8.50
N HIS A 366 15.99 -33.56 7.31
CA HIS A 366 16.64 -34.39 6.32
C HIS A 366 17.98 -33.74 5.98
N SER A 367 19.03 -34.31 6.56
CA SER A 367 20.37 -34.05 6.08
C SER A 367 20.66 -35.28 5.23
N ARG A 368 21.35 -35.13 4.10
CA ARG A 368 21.44 -36.24 3.15
C ARG A 368 22.25 -37.38 3.77
N GLU A 369 22.99 -37.04 4.83
CA GLU A 369 23.67 -38.04 5.63
C GLU A 369 22.70 -38.55 6.70
N GLY A 370 22.03 -37.62 7.37
CA GLY A 370 21.15 -37.94 8.49
C GLY A 370 19.69 -37.54 8.33
N VAL A 371 18.78 -38.51 8.31
CA VAL A 371 17.36 -38.18 8.32
C VAL A 371 16.78 -38.55 9.68
N ILE A 372 16.30 -37.55 10.41
CA ILE A 372 15.77 -37.79 11.74
C ILE A 372 14.32 -37.31 11.78
N THR A 373 13.42 -38.25 12.03
CA THR A 373 12.00 -37.98 11.89
C THR A 373 11.30 -37.73 13.21
N ILE A 374 10.75 -36.55 13.38
CA ILE A 374 10.27 -36.17 14.70
C ILE A 374 8.75 -36.17 14.81
N GLY A 375 8.20 -37.11 15.58
CA GLY A 375 6.76 -37.23 15.66
C GLY A 375 6.34 -38.06 14.45
N GLN A 376 5.32 -37.60 13.73
CA GLN A 376 4.69 -38.41 12.69
C GLN A 376 5.15 -38.12 11.25
N THR A 377 5.46 -39.19 10.52
CA THR A 377 6.30 -39.15 9.32
C THR A 377 6.22 -40.49 8.55
N PRO A 378 6.28 -40.46 7.18
CA PRO A 378 6.52 -41.57 6.21
C PRO A 378 8.00 -41.82 5.78
N PRO A 379 8.37 -43.10 5.47
CA PRO A 379 9.69 -43.77 5.43
C PRO A 379 10.83 -43.32 4.50
N GLY A 380 10.94 -43.97 3.35
CA GLY A 380 12.13 -43.92 2.51
C GLY A 380 11.96 -43.21 1.20
N PRO A 381 10.70 -43.06 0.73
CA PRO A 381 10.41 -42.04 -0.27
C PRO A 381 10.17 -40.65 0.31
N ILE A 382 10.33 -40.48 1.62
CA ILE A 382 10.48 -39.12 2.14
C ILE A 382 11.77 -38.54 1.60
N ILE A 383 12.81 -39.37 1.55
CA ILE A 383 14.14 -38.82 1.29
C ILE A 383 14.27 -38.32 -0.14
N ASP A 384 14.14 -39.26 -1.07
CA ASP A 384 14.56 -39.06 -2.46
C ASP A 384 13.41 -38.48 -3.23
N GLN A 385 12.23 -39.04 -2.99
CA GLN A 385 11.05 -38.64 -3.69
C GLN A 385 10.48 -37.35 -3.11
N LEU A 386 11.19 -36.76 -2.15
CA LEU A 386 10.76 -35.43 -1.71
C LEU A 386 11.86 -34.37 -1.79
N ALA A 387 13.11 -34.77 -1.58
CA ALA A 387 14.22 -33.80 -1.62
C ALA A 387 14.76 -33.60 -3.04
N GLN A 388 14.52 -34.57 -3.91
CA GLN A 388 14.81 -34.39 -5.32
C GLN A 388 13.61 -33.70 -5.97
N LEU A 389 12.47 -33.80 -5.27
CA LEU A 389 11.28 -33.05 -5.60
C LEU A 389 11.33 -31.63 -5.01
N ALA A 390 12.38 -31.31 -4.25
CA ALA A 390 12.31 -30.22 -3.27
C ALA A 390 12.31 -28.77 -3.81
N GLY A 391 13.45 -28.31 -4.32
CA GLY A 391 13.57 -26.91 -4.70
C GLY A 391 13.83 -26.66 -6.18
N ARG A 392 14.35 -27.70 -6.84
CA ARG A 392 14.67 -27.75 -8.28
C ARG A 392 15.75 -26.73 -8.61
N SER A 393 16.54 -26.40 -7.59
CA SER A 393 17.45 -25.26 -7.58
C SER A 393 16.76 -23.98 -8.03
N GLY A 394 15.45 -23.93 -7.79
CA GLY A 394 14.73 -22.69 -7.73
C GLY A 394 15.18 -22.11 -6.41
N GLY A 395 16.28 -21.36 -6.42
CA GLY A 395 16.87 -20.81 -5.21
C GLY A 395 15.89 -20.05 -4.35
N SER A 396 15.16 -19.13 -4.98
CA SER A 396 14.13 -18.37 -4.30
C SER A 396 12.79 -19.01 -4.64
N GLU A 397 12.45 -20.01 -3.85
CA GLU A 397 11.28 -20.83 -4.03
C GLU A 397 11.24 -21.78 -2.85
N LEU A 398 10.11 -22.42 -2.65
CA LEU A 398 9.94 -23.31 -1.49
C LEU A 398 8.84 -24.27 -1.92
N PHE A 399 8.70 -25.41 -1.25
CA PHE A 399 7.75 -26.40 -1.75
C PHE A 399 6.61 -26.76 -0.81
N GLN A 400 5.40 -26.84 -1.34
CA GLN A 400 4.26 -27.27 -0.53
C GLN A 400 3.10 -27.85 -1.31
N THR A 401 2.26 -28.60 -0.60
CA THR A 401 0.95 -29.00 -1.11
C THR A 401 -0.04 -29.19 0.03
N ASP A 402 -1.33 -29.06 -0.25
CA ASP A 402 -2.35 -29.45 0.72
C ASP A 402 -2.71 -30.91 0.42
N ARG A 403 -2.40 -31.34 -0.80
CA ARG A 403 -2.60 -32.72 -1.28
C ARG A 403 -1.29 -33.34 -1.74
N LEU A 404 -0.95 -34.54 -1.28
CA LEU A 404 0.32 -35.15 -1.67
C LEU A 404 0.09 -36.40 -2.50
N SER A 405 -1.08 -37.01 -2.30
CA SER A 405 -1.51 -38.19 -3.07
C SER A 405 -1.68 -37.80 -4.53
N THR A 406 -1.64 -36.49 -4.74
CA THR A 406 -1.81 -35.86 -6.04
C THR A 406 -0.53 -35.82 -6.83
N ILE A 407 0.58 -35.65 -6.12
CA ILE A 407 1.88 -35.39 -6.73
C ILE A 407 2.83 -36.60 -6.67
N ILE A 408 2.79 -37.32 -5.56
CA ILE A 408 3.35 -38.67 -5.52
C ILE A 408 2.17 -39.56 -5.24
N PRO A 409 1.61 -40.16 -6.29
CA PRO A 409 0.33 -40.88 -6.14
C PRO A 409 0.37 -41.97 -5.07
N GLU A 410 1.52 -42.64 -4.99
CA GLU A 410 1.79 -43.69 -4.02
C GLU A 410 1.80 -43.18 -2.58
N ALA A 411 1.89 -41.86 -2.41
CA ALA A 411 1.75 -41.24 -1.09
C ALA A 411 0.31 -41.37 -0.63
N GLY A 412 -0.55 -41.78 -1.56
CA GLY A 412 -1.93 -42.10 -1.26
C GLY A 412 -2.02 -43.08 -0.12
N ALA A 413 -1.04 -43.99 -0.05
CA ALA A 413 -1.01 -44.98 1.01
C ALA A 413 -0.70 -44.35 2.37
N PHE A 414 0.17 -43.34 2.38
CA PHE A 414 0.54 -42.69 3.63
C PHE A 414 -0.16 -41.36 3.76
N ALA A 415 -1.26 -41.19 3.03
CA ALA A 415 -1.99 -39.93 3.01
C ALA A 415 -2.53 -39.61 4.40
N GLU A 416 -2.66 -40.64 5.22
CA GLU A 416 -3.17 -40.50 6.59
C GLU A 416 -2.23 -39.72 7.51
N VAL A 417 -0.94 -39.66 7.17
CA VAL A 417 0.01 -38.92 8.00
C VAL A 417 0.77 -37.90 7.15
N ALA A 418 0.73 -38.09 5.83
CA ALA A 418 1.44 -37.25 4.88
C ALA A 418 0.52 -36.87 3.72
N SER A 419 -0.35 -35.88 3.95
CA SER A 419 -1.34 -35.51 2.96
C SER A 419 -0.95 -34.19 2.36
N GLY A 420 -0.44 -33.32 3.24
CA GLY A 420 0.04 -32.01 2.86
C GLY A 420 1.41 -31.83 3.46
N VAL A 421 2.22 -30.96 2.88
CA VAL A 421 3.59 -30.81 3.33
C VAL A 421 4.08 -29.37 3.19
N LEU A 422 4.99 -29.02 4.09
CA LEU A 422 5.70 -27.77 4.03
C LEU A 422 7.17 -28.15 4.08
N ALA A 423 8.05 -27.49 3.33
CA ALA A 423 9.47 -27.84 3.41
C ALA A 423 10.42 -26.68 3.13
N VAL A 424 11.54 -26.66 3.85
CA VAL A 424 12.54 -25.60 3.76
C VAL A 424 13.94 -26.12 3.47
N PRO A 425 14.62 -25.56 2.44
CA PRO A 425 16.01 -25.94 2.20
C PRO A 425 16.93 -25.21 3.19
N LEU A 426 18.07 -25.81 3.52
CA LEU A 426 19.12 -25.08 4.24
C LEU A 426 20.29 -24.71 3.37
N SER A 427 20.21 -24.99 2.06
CA SER A 427 21.32 -24.64 1.18
C SER A 427 21.06 -24.69 -0.33
N ARG A 428 21.99 -24.04 -1.06
CA ARG A 428 22.15 -24.18 -2.51
C ARG A 428 22.29 -25.69 -2.62
N THR A 429 21.59 -26.35 -3.55
CA THR A 429 21.51 -27.82 -3.57
C THR A 429 22.94 -28.42 -3.77
N PRO A 430 23.17 -29.65 -3.27
CA PRO A 430 24.47 -30.16 -2.83
C PRO A 430 25.43 -29.15 -2.20
N PRO A 431 25.30 -28.86 -0.89
CA PRO A 431 24.38 -29.29 0.18
C PRO A 431 22.87 -29.22 -0.08
N ARG A 432 22.17 -30.32 0.22
CA ARG A 432 20.71 -30.40 0.13
C ARG A 432 20.16 -30.69 1.51
N ARG A 433 20.27 -29.71 2.42
CA ARG A 433 19.81 -29.88 3.79
C ARG A 433 18.32 -29.59 3.83
N VAL A 434 17.51 -30.50 4.35
CA VAL A 434 16.04 -30.35 4.24
C VAL A 434 15.25 -30.48 5.54
N MET A 435 14.42 -29.47 5.81
CA MET A 435 13.46 -29.51 6.89
C MET A 435 12.10 -29.77 6.25
N LEU A 436 11.19 -30.47 6.91
CA LEU A 436 9.86 -30.62 6.29
C LEU A 436 8.78 -30.86 7.30
N TRP A 437 7.67 -30.16 7.12
CA TRP A 437 6.52 -30.24 7.99
C TRP A 437 5.46 -31.05 7.30
N PHE A 438 4.76 -31.88 8.06
CA PHE A 438 3.75 -32.70 7.45
C PHE A 438 2.42 -32.39 8.07
N ARG A 439 1.38 -32.57 7.27
CA ARG A 439 0.03 -32.30 7.68
C ARG A 439 -0.81 -33.45 7.18
N PRO A 440 -1.72 -33.95 8.04
CA PRO A 440 -2.55 -35.08 7.63
C PRO A 440 -3.80 -34.70 6.87
N GLU A 441 -4.54 -35.73 6.52
CA GLU A 441 -5.70 -35.65 5.66
C GLU A 441 -6.88 -35.23 6.52
N VAL A 442 -7.66 -34.28 6.02
CA VAL A 442 -8.82 -33.81 6.75
C VAL A 442 -10.04 -34.01 5.87
N ALA A 443 -11.12 -34.52 6.45
CA ALA A 443 -12.34 -34.62 5.68
C ALA A 443 -13.00 -33.26 5.75
N GLN A 444 -12.78 -32.44 4.72
CA GLN A 444 -13.40 -31.13 4.64
C GLN A 444 -14.54 -31.16 3.65
N THR A 445 -15.55 -30.35 3.89
CA THR A 445 -16.66 -30.21 2.98
C THR A 445 -16.72 -28.84 2.29
N VAL A 446 -16.54 -28.84 0.97
CA VAL A 446 -16.69 -27.63 0.19
C VAL A 446 -17.95 -27.75 -0.66
N TYR A 447 -18.69 -26.65 -0.81
CA TYR A 447 -19.89 -26.68 -1.64
C TYR A 447 -19.92 -25.64 -2.73
N TRP A 448 -20.55 -26.01 -3.84
CA TRP A 448 -20.76 -25.06 -4.93
C TRP A 448 -22.03 -25.26 -5.70
N ALA A 449 -22.39 -24.18 -6.36
CA ALA A 449 -23.31 -24.22 -7.47
C ALA A 449 -22.62 -25.09 -8.51
N GLY A 450 -23.27 -26.16 -8.98
CA GLY A 450 -22.59 -27.16 -9.78
C GLY A 450 -22.23 -28.37 -8.93
N ASN A 451 -21.84 -29.53 -9.49
CA ASN A 451 -21.48 -29.81 -10.89
C ASN A 451 -20.33 -28.98 -11.47
N PRO A 452 -19.11 -29.13 -10.93
CA PRO A 452 -17.97 -28.50 -11.63
C PRO A 452 -17.41 -29.40 -12.75
N ASP A 453 -18.09 -30.49 -13.10
CA ASP A 453 -17.69 -31.28 -14.25
C ASP A 453 -18.59 -30.87 -15.41
N LYS A 454 -19.88 -30.72 -15.15
CA LYS A 454 -20.80 -30.30 -16.21
C LYS A 454 -20.76 -28.78 -16.24
N SER A 455 -19.71 -28.23 -16.86
CA SER A 455 -19.55 -26.80 -17.01
C SER A 455 -19.92 -26.31 -18.41
N GLY A 461 -21.85 -26.70 -32.83
CA GLY A 461 -22.51 -26.31 -31.59
C GLY A 461 -21.66 -25.43 -30.69
N ARG A 462 -22.31 -24.52 -29.97
CA ARG A 462 -21.60 -23.56 -29.12
C ARG A 462 -21.45 -24.05 -27.69
N LEU A 463 -20.72 -23.28 -26.88
CA LEU A 463 -20.55 -23.56 -25.45
C LEU A 463 -21.81 -23.20 -24.69
N ARG A 464 -22.04 -23.81 -23.53
CA ARG A 464 -23.23 -23.44 -22.78
C ARG A 464 -23.13 -23.41 -21.27
N PRO A 465 -23.56 -22.28 -20.67
CA PRO A 465 -23.58 -21.96 -19.25
C PRO A 465 -24.66 -22.71 -18.48
N ARG A 466 -24.43 -22.88 -17.19
CA ARG A 466 -25.23 -23.78 -16.35
C ARG A 466 -26.62 -23.21 -16.11
N THR A 467 -27.55 -24.06 -15.72
CA THR A 467 -28.97 -23.71 -15.64
C THR A 467 -29.34 -23.60 -14.16
N SER A 468 -28.75 -24.46 -13.34
CA SER A 468 -29.01 -24.44 -11.91
C SER A 468 -27.73 -24.14 -11.16
N PHE A 469 -27.88 -23.43 -10.04
CA PHE A 469 -26.75 -23.05 -9.23
C PHE A 469 -26.97 -23.41 -7.76
N ALA A 470 -27.80 -24.42 -7.51
CA ALA A 470 -27.99 -24.89 -6.16
C ALA A 470 -26.68 -25.47 -5.63
N ALA A 471 -26.50 -25.37 -4.32
CA ALA A 471 -25.26 -25.78 -3.69
C ALA A 471 -25.19 -27.29 -3.54
N TRP A 472 -24.17 -27.91 -4.11
CA TRP A 472 -23.92 -29.32 -3.86
C TRP A 472 -22.66 -29.32 -3.04
N THR A 473 -22.56 -30.29 -2.14
CA THR A 473 -21.41 -30.38 -1.25
C THR A 473 -20.49 -31.51 -1.68
N GLU A 474 -19.19 -31.24 -1.66
CA GLU A 474 -18.17 -32.26 -1.90
C GLU A 474 -17.30 -32.40 -0.64
N GLN A 475 -17.06 -33.64 -0.23
CA GLN A 475 -16.13 -33.91 0.88
C GLN A 475 -14.80 -34.45 0.36
N THR A 476 -13.70 -33.86 0.83
CA THR A 476 -12.43 -33.99 0.12
C THR A 476 -11.39 -34.96 0.69
N HIS A 477 -10.91 -35.84 -0.17
CA HIS A 477 -9.98 -36.88 0.26
C HIS A 477 -8.52 -36.48 0.00
N GLY A 478 -7.71 -36.58 1.04
CA GLY A 478 -6.27 -36.39 0.90
C GLY A 478 -5.77 -34.95 1.07
N ARG A 479 -6.61 -34.08 1.63
CA ARG A 479 -6.28 -32.65 1.70
C ARG A 479 -5.81 -32.20 3.09
N ALA A 480 -4.77 -31.39 3.10
CA ALA A 480 -4.27 -30.77 4.33
C ALA A 480 -4.98 -29.46 4.53
N ILE A 481 -4.80 -28.85 5.71
CA ILE A 481 -5.40 -27.55 5.95
C ILE A 481 -4.48 -26.60 5.23
N ALA A 482 -4.98 -25.45 4.84
CA ALA A 482 -4.24 -24.59 3.94
C ALA A 482 -3.12 -23.92 4.74
N TRP A 483 -1.89 -24.13 4.30
CA TRP A 483 -0.77 -23.36 4.82
C TRP A 483 -1.01 -21.92 4.42
N GLN A 484 -0.75 -21.00 5.33
CA GLN A 484 -0.75 -19.60 4.93
C GLN A 484 0.63 -19.03 5.23
N PRO A 485 0.94 -17.82 4.72
CA PRO A 485 2.28 -17.29 4.99
C PRO A 485 2.40 -17.07 6.48
N HIS A 486 1.23 -17.06 7.10
CA HIS A 486 1.03 -16.91 8.53
C HIS A 486 1.67 -18.08 9.29
N GLU A 487 1.53 -19.26 8.72
CA GLU A 487 2.17 -20.46 9.23
C GLU A 487 3.54 -20.58 8.57
N VAL A 488 3.60 -20.24 7.29
CA VAL A 488 4.87 -20.27 6.56
C VAL A 488 5.90 -19.36 7.23
N ALA A 489 5.52 -18.15 7.61
CA ALA A 489 6.45 -17.22 8.28
C ALA A 489 7.06 -17.87 9.53
N ALA A 490 6.30 -18.75 10.18
CA ALA A 490 6.79 -19.48 11.34
C ALA A 490 8.01 -20.32 10.96
N ALA A 491 7.83 -21.30 10.06
CA ALA A 491 8.93 -22.17 9.60
C ALA A 491 10.06 -21.35 9.01
N VAL A 492 9.66 -20.29 8.33
CA VAL A 492 10.60 -19.34 7.73
C VAL A 492 11.56 -18.78 8.77
N GLU A 493 10.99 -18.41 9.92
CA GLU A 493 11.77 -17.87 11.04
C GLU A 493 12.69 -18.89 11.68
N ILE A 494 12.25 -20.13 11.70
CA ILE A 494 13.01 -21.20 12.35
C ILE A 494 14.35 -21.41 11.70
N ARG A 495 14.38 -21.45 10.38
CA ARG A 495 15.64 -21.74 9.72
C ARG A 495 16.59 -20.59 9.91
N ASP A 496 16.03 -19.39 9.97
CA ASP A 496 16.79 -18.15 10.14
C ASP A 496 17.39 -17.96 11.54
N LEU A 497 17.06 -18.84 12.47
CA LEU A 497 17.65 -18.81 13.82
C LEU A 497 18.62 -19.96 14.07
N ILE A 498 18.27 -21.14 13.54
CA ILE A 498 19.14 -22.31 13.60
C ILE A 498 20.49 -21.90 13.05
N ILE A 499 20.45 -21.12 11.99
CA ILE A 499 21.62 -20.54 11.37
C ILE A 499 22.39 -19.61 12.31
N ASP A 500 21.67 -18.69 12.97
CA ASP A 500 22.25 -17.77 13.94
C ASP A 500 22.99 -18.46 15.09
N VAL A 501 22.47 -19.61 15.47
CA VAL A 501 23.01 -20.39 16.58
C VAL A 501 24.28 -21.12 16.17
N ILE A 502 24.24 -21.71 14.98
CA ILE A 502 25.32 -22.53 14.44
C ILE A 502 26.71 -21.86 14.50
N LEU A 503 26.77 -20.53 14.46
CA LEU A 503 28.05 -19.86 14.73
C LEU A 503 28.52 -20.14 16.15
N THR B 14 18.69 23.55 22.63
CA THR B 14 17.53 23.79 23.47
C THR B 14 16.24 23.71 22.61
N CYS B 15 16.42 23.48 21.32
CA CYS B 15 15.32 23.37 20.36
C CYS B 15 14.29 22.26 20.64
N ASP B 16 14.79 21.11 21.13
CA ASP B 16 13.96 19.95 21.39
C ASP B 16 13.25 20.02 22.74
N ASP B 17 13.27 21.21 23.34
CA ASP B 17 12.82 21.39 24.72
C ASP B 17 11.53 22.20 24.94
N GLU B 18 11.17 23.07 24.00
CA GLU B 18 9.95 23.87 24.16
C GLU B 18 8.69 23.03 24.14
N PRO B 19 7.87 23.10 25.21
CA PRO B 19 6.61 22.36 25.33
C PRO B 19 5.44 23.00 24.58
N ILE B 20 5.14 22.47 23.39
CA ILE B 20 4.17 23.09 22.49
C ILE B 20 2.77 22.52 22.68
N HIS B 21 2.69 21.33 23.26
CA HIS B 21 1.44 20.58 23.38
C HIS B 21 0.54 21.00 24.53
N ILE B 22 1.10 21.71 25.50
CA ILE B 22 0.30 22.25 26.60
C ILE B 22 0.42 23.76 26.59
N PRO B 23 0.09 24.39 25.43
CA PRO B 23 0.41 25.81 25.31
C PRO B 23 -0.57 26.72 26.03
N GLY B 24 -1.67 26.16 26.51
CA GLY B 24 -2.63 26.91 27.31
C GLY B 24 -3.40 27.96 26.53
N ALA B 25 -3.37 27.88 25.20
CA ALA B 25 -4.09 28.84 24.36
C ALA B 25 -4.52 28.20 23.05
N ILE B 26 -5.51 28.82 22.40
CA ILE B 26 -5.89 28.44 21.03
C ILE B 26 -5.85 29.60 20.04
N GLN B 27 -6.27 29.33 18.81
CA GLN B 27 -6.34 30.32 17.77
C GLN B 27 -7.72 31.01 17.78
N PRO B 28 -7.76 32.32 17.47
CA PRO B 28 -9.00 33.11 17.53
C PRO B 28 -10.13 32.76 16.56
N HIS B 29 -9.84 32.10 15.44
CA HIS B 29 -10.89 31.94 14.43
C HIS B 29 -11.94 30.92 14.84
N GLY B 30 -11.56 30.01 15.71
CA GLY B 30 -12.50 29.02 16.19
C GLY B 30 -12.40 28.94 17.69
N LEU B 31 -13.38 28.28 18.30
CA LEU B 31 -13.46 28.25 19.75
C LEU B 31 -13.77 26.83 20.25
N LEU B 32 -13.30 26.48 21.45
CA LEU B 32 -13.32 25.08 21.87
C LEU B 32 -13.62 24.86 23.38
N LEU B 33 -14.27 23.75 23.73
CA LEU B 33 -14.59 23.52 25.15
C LEU B 33 -14.19 22.14 25.67
N ALA B 34 -13.78 22.11 26.94
CA ALA B 34 -13.35 20.89 27.62
C ALA B 34 -14.36 20.53 28.71
N LEU B 35 -14.82 19.28 28.67
CA LEU B 35 -15.92 18.84 29.52
C LEU B 35 -15.60 17.62 30.39
N ALA B 36 -16.32 17.48 31.51
CA ALA B 36 -16.16 16.30 32.35
C ALA B 36 -17.01 15.17 31.76
N ALA B 37 -16.39 14.01 31.67
CA ALA B 37 -16.84 12.90 30.82
C ALA B 37 -18.28 12.38 30.95
N ASP B 38 -18.79 12.14 32.15
CA ASP B 38 -20.19 11.72 32.23
C ASP B 38 -20.93 13.02 32.40
N MET B 39 -21.49 13.39 31.27
CA MET B 39 -21.26 14.69 30.65
C MET B 39 -21.70 15.95 31.42
N THR B 40 -20.68 16.65 31.92
CA THR B 40 -20.75 18.01 32.48
C THR B 40 -19.47 18.77 32.06
N ILE B 41 -19.58 20.03 31.62
CA ILE B 41 -18.40 20.77 31.10
C ILE B 41 -17.54 21.54 32.13
N VAL B 42 -16.22 21.33 32.13
CA VAL B 42 -15.34 21.93 33.16
C VAL B 42 -14.44 23.13 32.79
N ALA B 43 -13.48 22.94 31.89
CA ALA B 43 -12.46 23.97 31.67
C ALA B 43 -12.57 24.68 30.34
N GLY B 44 -12.69 26.00 30.37
CA GLY B 44 -13.06 26.73 29.17
C GLY B 44 -11.98 27.50 28.43
N SER B 45 -12.08 27.47 27.11
CA SER B 45 -11.21 28.27 26.27
C SER B 45 -11.64 29.73 26.33
N ASP B 46 -10.70 30.64 26.58
CA ASP B 46 -11.04 32.05 26.67
C ASP B 46 -11.21 32.73 25.31
N ASN B 47 -11.32 31.94 24.25
CA ASN B 47 -11.67 32.51 22.95
C ASN B 47 -13.17 32.47 22.69
N LEU B 48 -13.85 31.52 23.31
CA LEU B 48 -15.31 31.40 23.21
C LEU B 48 -16.28 32.10 24.19
N PRO B 49 -15.83 32.52 25.38
CA PRO B 49 -16.85 33.09 26.29
C PRO B 49 -17.64 34.28 25.77
N GLU B 50 -16.96 35.04 24.93
CA GLU B 50 -17.33 36.41 24.60
C GLU B 50 -18.55 36.71 23.73
N LEU B 51 -18.71 36.00 22.64
CA LEU B 51 -19.77 36.33 21.68
C LEU B 51 -20.81 35.22 21.73
N THR B 52 -20.73 34.48 22.82
CA THR B 52 -21.70 33.45 23.17
C THR B 52 -21.69 33.29 24.70
N ILE B 60 -18.04 30.33 32.56
CA ILE B 60 -17.33 29.48 33.52
C ILE B 60 -18.00 28.08 33.67
N GLY B 61 -17.26 27.11 34.23
CA GLY B 61 -17.71 25.75 34.51
C GLY B 61 -19.19 25.51 34.74
N ARG B 62 -19.73 24.57 33.97
CA ARG B 62 -21.15 24.32 33.75
C ARG B 62 -21.52 22.83 33.76
N SER B 63 -22.82 22.50 33.78
CA SER B 63 -23.23 21.11 33.51
C SER B 63 -23.47 20.94 31.99
N ALA B 64 -23.27 19.74 31.44
CA ALA B 64 -23.17 19.57 29.98
C ALA B 64 -24.40 19.29 29.09
N ALA B 65 -25.44 18.61 29.58
CA ALA B 65 -26.63 18.38 28.73
C ALA B 65 -27.04 19.70 28.05
N ASP B 66 -26.54 20.80 28.67
CA ASP B 66 -26.81 22.19 28.41
C ASP B 66 -26.21 22.66 27.07
N VAL B 67 -26.66 22.04 25.96
CA VAL B 67 -26.11 22.41 24.65
C VAL B 67 -27.27 22.45 23.64
N PHE B 68 -26.98 22.68 22.36
CA PHE B 68 -27.94 23.18 21.39
C PHE B 68 -28.90 22.06 21.06
N ASP B 69 -30.15 22.46 21.17
CA ASP B 69 -30.87 22.14 22.38
C ASP B 69 -30.85 20.66 22.79
N SER B 70 -31.55 19.78 22.09
CA SER B 70 -31.25 18.37 22.24
C SER B 70 -30.68 17.87 20.91
N GLU B 71 -30.91 18.65 19.85
CA GLU B 71 -30.51 18.28 18.50
C GLU B 71 -29.00 18.09 18.36
N THR B 72 -28.20 19.11 18.67
CA THR B 72 -26.77 18.92 18.46
C THR B 72 -26.05 18.39 19.71
N HIS B 73 -26.62 18.53 20.90
CA HIS B 73 -25.94 17.89 22.02
C HIS B 73 -26.22 16.39 22.06
N ASN B 74 -27.49 16.01 22.26
CA ASN B 74 -27.81 14.63 22.61
C ASN B 74 -27.48 13.61 21.53
N ARG B 75 -27.88 13.85 20.29
CA ARG B 75 -27.63 12.85 19.26
C ARG B 75 -26.16 12.77 18.97
N LEU B 76 -25.48 13.86 19.25
CA LEU B 76 -24.06 13.95 19.03
C LEU B 76 -23.32 13.40 20.27
N THR B 77 -23.85 13.63 21.48
CA THR B 77 -23.30 12.97 22.69
C THR B 77 -23.43 11.46 22.74
N ILE B 78 -24.50 10.93 22.18
CA ILE B 78 -24.73 9.50 22.26
C ILE B 78 -23.82 8.83 21.25
N ALA B 79 -23.54 9.53 20.16
CA ALA B 79 -22.63 9.03 19.16
C ALA B 79 -21.20 9.03 19.69
N LEU B 80 -20.90 9.95 20.62
CA LEU B 80 -19.54 9.99 21.15
C LEU B 80 -19.41 9.10 22.36
N ALA B 81 -20.53 8.84 23.03
CA ALA B 81 -20.52 8.08 24.29
C ALA B 81 -20.24 6.58 24.07
N GLU B 82 -21.06 5.96 23.22
CA GLU B 82 -21.16 4.50 23.07
C GLU B 82 -20.07 3.68 22.35
N PRO B 83 -19.36 4.27 21.37
CA PRO B 83 -18.68 3.30 20.50
C PRO B 83 -17.24 2.92 20.89
N PRO B 90 -16.48 12.83 12.78
CA PRO B 90 -16.85 14.25 12.74
C PRO B 90 -18.28 14.49 13.18
N ILE B 91 -18.70 15.75 13.25
CA ILE B 91 -20.11 16.01 13.41
C ILE B 91 -20.54 17.43 13.03
N ALA B 92 -21.84 17.60 12.83
CA ALA B 92 -22.41 18.88 12.44
C ALA B 92 -23.25 19.46 13.57
N VAL B 93 -22.98 20.70 13.90
CA VAL B 93 -23.72 21.37 14.96
C VAL B 93 -24.71 22.39 14.40
N PHE B 103 -21.45 26.33 12.86
CA PHE B 103 -20.14 25.85 13.28
C PHE B 103 -19.97 24.35 12.98
N VAL B 104 -18.72 23.88 13.08
CA VAL B 104 -18.33 22.51 12.77
C VAL B 104 -17.71 21.81 14.00
N GLY B 105 -18.25 20.63 14.35
CA GLY B 105 -17.88 19.97 15.59
C GLY B 105 -16.95 18.76 15.49
N SER B 106 -15.65 19.01 15.61
CA SER B 106 -14.66 17.94 15.72
C SER B 106 -14.36 17.60 17.18
N TRP B 107 -14.01 16.35 17.46
CA TRP B 107 -13.72 15.94 18.83
C TRP B 107 -12.74 14.77 18.90
N HIS B 108 -12.38 14.38 20.13
CA HIS B 108 -11.57 13.20 20.40
C HIS B 108 -11.53 12.98 21.90
N ARG B 109 -11.11 11.80 22.32
CA ARG B 109 -10.83 11.58 23.74
C ARG B 109 -9.33 11.54 24.00
N HIS B 110 -8.90 12.21 25.06
CA HIS B 110 -7.48 12.29 25.39
C HIS B 110 -7.16 12.78 26.81
N ASP B 111 -6.05 12.27 27.35
CA ASP B 111 -5.74 12.25 28.79
C ASP B 111 -7.02 12.18 29.62
N GLN B 112 -7.95 11.38 29.11
CA GLN B 112 -9.10 10.84 29.84
C GLN B 112 -10.32 11.76 29.94
N LEU B 113 -10.26 12.95 29.34
CA LEU B 113 -11.40 13.86 29.29
C LEU B 113 -11.86 14.06 27.85
N VAL B 114 -13.08 14.58 27.67
CA VAL B 114 -13.63 14.78 26.34
C VAL B 114 -13.33 16.16 25.73
N PHE B 115 -12.71 16.17 24.55
CA PHE B 115 -12.40 17.39 23.83
C PHE B 115 -13.54 17.78 22.87
N LEU B 116 -13.61 19.04 22.47
CA LEU B 116 -14.53 19.43 21.41
C LEU B 116 -14.17 20.79 20.81
N GLU B 117 -13.82 20.80 19.53
CA GLU B 117 -13.36 22.00 18.82
C GLU B 117 -14.35 22.54 17.79
N LEU B 118 -14.39 23.85 17.65
CA LEU B 118 -15.37 24.45 16.76
C LEU B 118 -14.72 25.47 15.82
N GLU B 119 -15.10 25.44 14.53
CA GLU B 119 -14.51 26.28 13.47
C GLU B 119 -15.64 26.72 12.56
N PRO B 120 -15.57 27.94 11.99
CA PRO B 120 -16.57 28.34 10.98
C PRO B 120 -16.74 27.29 9.89
N PRO B 121 -17.89 27.32 9.18
CA PRO B 121 -18.19 26.29 8.17
C PRO B 121 -17.28 26.39 6.95
N PHE B 131 -17.29 17.91 -6.00
CA PHE B 131 -16.04 17.79 -5.26
C PHE B 131 -15.44 16.39 -5.30
N PHE B 132 -16.30 15.39 -5.27
CA PHE B 132 -15.84 14.04 -4.95
C PHE B 132 -15.11 13.32 -6.10
N ARG B 133 -15.42 13.69 -7.35
CA ARG B 133 -14.77 13.07 -8.49
C ARG B 133 -13.31 13.36 -8.62
N ARG B 134 -12.98 14.56 -8.23
CA ARG B 134 -11.63 15.04 -8.07
C ARG B 134 -10.76 14.16 -7.19
N THR B 135 -11.32 13.81 -6.04
CA THR B 135 -10.59 13.03 -5.08
C THR B 135 -10.28 11.64 -5.62
N ASN B 136 -11.28 10.91 -6.10
CA ASN B 136 -10.98 9.58 -6.60
C ASN B 136 -10.07 9.58 -7.84
N SER B 137 -10.30 10.52 -8.76
CA SER B 137 -9.53 10.58 -9.99
C SER B 137 -8.02 10.85 -9.70
N ALA B 138 -7.72 11.41 -8.52
CA ALA B 138 -6.33 11.65 -8.13
C ALA B 138 -5.73 10.48 -7.36
N ILE B 139 -6.58 9.60 -6.83
CA ILE B 139 -6.11 8.33 -6.34
C ILE B 139 -5.74 7.60 -7.61
N ARG B 140 -6.66 7.64 -8.56
CA ARG B 140 -6.57 6.86 -9.80
C ARG B 140 -5.33 7.24 -10.59
N ARG B 141 -4.93 8.48 -10.43
CA ARG B 141 -3.69 8.98 -10.99
C ARG B 141 -2.53 8.63 -10.08
N LEU B 142 -2.71 8.84 -8.77
CA LEU B 142 -1.66 8.49 -7.80
C LEU B 142 -1.33 7.00 -7.84
N GLN B 143 -2.21 6.19 -8.41
CA GLN B 143 -1.98 4.75 -8.52
C GLN B 143 -1.17 4.37 -9.77
N ALA B 144 -1.32 5.13 -10.84
CA ALA B 144 -0.67 4.78 -12.12
C ALA B 144 0.72 5.40 -12.22
N ALA B 145 0.99 6.41 -11.38
CA ALA B 145 2.26 7.13 -11.39
C ALA B 145 3.42 6.14 -11.25
N GLU B 146 4.37 6.23 -12.18
CA GLU B 146 5.41 5.23 -12.36
C GLU B 146 6.68 5.37 -11.52
N THR B 147 7.08 6.60 -11.23
CA THR B 147 8.31 6.84 -10.48
C THR B 147 8.01 7.60 -9.20
N LEU B 148 8.97 7.61 -8.27
CA LEU B 148 8.81 8.35 -7.02
C LEU B 148 8.47 9.83 -7.26
N GLU B 149 9.00 10.41 -8.33
CA GLU B 149 8.72 11.81 -8.60
C GLU B 149 7.31 12.06 -9.17
N SER B 150 6.81 11.13 -9.97
CA SER B 150 5.47 11.25 -10.52
C SER B 150 4.44 10.97 -9.43
N ALA B 151 4.89 10.28 -8.38
CA ALA B 151 4.03 10.01 -7.23
C ALA B 151 3.84 11.29 -6.43
N CYS B 152 4.91 12.07 -6.29
CA CYS B 152 4.89 13.21 -5.39
C CYS B 152 4.39 14.51 -6.05
N ALA B 153 4.65 14.69 -7.34
CA ALA B 153 4.14 15.85 -8.06
C ALA B 153 2.68 15.66 -8.50
N ALA B 154 2.18 14.46 -8.30
CA ALA B 154 0.76 14.19 -8.42
C ALA B 154 0.13 14.51 -7.08
N ALA B 155 0.73 13.95 -6.03
CA ALA B 155 0.40 14.26 -4.64
C ALA B 155 0.37 15.76 -4.44
N ALA B 156 1.51 16.39 -4.65
CA ALA B 156 1.64 17.83 -4.54
C ALA B 156 0.57 18.55 -5.35
N GLN B 157 0.22 18.03 -6.52
CA GLN B 157 -0.70 18.76 -7.36
C GLN B 157 -2.14 18.80 -6.81
N GLU B 158 -2.75 17.66 -6.47
CA GLU B 158 -4.13 17.66 -5.97
C GLU B 158 -4.33 18.49 -4.70
N VAL B 159 -3.45 18.31 -3.72
CA VAL B 159 -3.56 19.03 -2.46
C VAL B 159 -3.60 20.56 -2.69
N ARG B 160 -3.01 21.03 -3.78
CA ARG B 160 -3.12 22.45 -4.15
C ARG B 160 -4.50 22.79 -4.71
N GLU B 161 -4.97 21.99 -5.66
CA GLU B 161 -6.28 22.20 -6.25
C GLU B 161 -7.43 21.96 -5.27
N ILE B 162 -7.11 21.53 -4.05
CA ILE B 162 -8.16 21.28 -3.05
C ILE B 162 -8.00 22.18 -1.82
N THR B 163 -6.90 22.93 -1.74
CA THR B 163 -6.81 24.01 -0.77
C THR B 163 -6.53 25.37 -1.41
N GLY B 164 -6.35 25.38 -2.73
CA GLY B 164 -6.11 26.62 -3.45
C GLY B 164 -4.79 27.28 -3.05
N PHE B 165 -4.12 26.68 -2.07
CA PHE B 165 -2.89 27.22 -1.49
C PHE B 165 -1.86 27.58 -2.54
N ASP B 166 -1.14 28.65 -2.27
CA ASP B 166 -0.19 29.23 -3.20
C ASP B 166 0.98 28.29 -3.48
N ARG B 167 1.35 27.49 -2.49
CA ARG B 167 2.47 26.58 -2.69
C ARG B 167 2.21 25.27 -1.96
N VAL B 168 2.31 24.16 -2.69
CA VAL B 168 2.19 22.84 -2.08
C VAL B 168 3.43 22.04 -2.42
N MET B 169 4.33 21.97 -1.45
CA MET B 169 5.62 21.33 -1.62
C MET B 169 5.55 20.00 -0.94
N ILE B 170 6.35 19.04 -1.41
CA ILE B 170 6.44 17.78 -0.71
C ILE B 170 7.84 17.60 -0.14
N TYR B 171 7.89 17.29 1.14
CA TYR B 171 9.12 17.36 1.92
C TYR B 171 9.53 15.99 2.44
N ARG B 172 10.56 15.40 1.85
CA ARG B 172 11.09 14.14 2.36
C ARG B 172 12.18 14.42 3.38
N PHE B 173 12.20 13.60 4.42
CA PHE B 173 13.25 13.61 5.42
C PHE B 173 14.36 12.65 4.99
N ALA B 174 15.61 13.06 5.12
CA ALA B 174 16.69 12.10 4.98
C ALA B 174 16.82 11.47 6.36
N SER B 175 17.84 10.64 6.58
CA SER B 175 17.95 9.90 7.83
C SER B 175 18.16 10.80 9.04
N ASP B 176 19.10 11.73 8.93
CA ASP B 176 19.38 12.70 9.99
C ASP B 176 18.16 13.58 10.28
N PHE B 177 17.20 13.53 9.37
CA PHE B 177 15.93 14.25 9.44
C PHE B 177 16.04 15.71 9.09
N SER B 178 17.12 16.03 8.39
CA SER B 178 17.15 17.21 7.54
C SER B 178 16.32 16.78 6.33
N GLY B 179 16.07 17.70 5.41
CA GLY B 179 15.12 17.41 4.35
C GLY B 179 15.41 18.02 3.00
N GLU B 180 14.61 17.62 2.02
CA GLU B 180 14.73 18.15 0.67
C GLU B 180 13.35 18.19 0.04
N VAL B 181 12.94 19.36 -0.42
CA VAL B 181 11.71 19.46 -1.19
C VAL B 181 11.97 18.73 -2.50
N ILE B 182 11.31 17.60 -2.69
CA ILE B 182 11.61 16.72 -3.81
C ILE B 182 10.67 16.93 -5.00
N ALA B 183 9.46 17.41 -4.74
CA ALA B 183 8.60 17.84 -5.84
C ALA B 183 7.81 19.07 -5.41
N GLU B 184 7.18 19.73 -6.37
CA GLU B 184 6.50 20.98 -6.08
C GLU B 184 5.50 21.35 -7.18
N ASP B 185 4.39 21.91 -6.73
CA ASP B 185 3.32 22.42 -7.57
C ASP B 185 2.92 23.76 -7.01
N ARG B 186 2.85 24.79 -7.85
CA ARG B 186 2.71 26.13 -7.30
C ARG B 186 2.03 27.14 -8.24
N CYS B 187 1.32 28.08 -7.62
CA CYS B 187 0.77 29.22 -8.32
C CYS B 187 1.97 30.05 -8.76
N ALA B 188 1.86 30.71 -9.91
CA ALA B 188 2.94 31.57 -10.41
C ALA B 188 3.27 32.75 -9.50
N GLU B 189 4.45 33.36 -9.74
CA GLU B 189 4.95 34.53 -9.00
C GLU B 189 5.41 34.27 -7.57
N VAL B 190 5.27 33.03 -7.11
CA VAL B 190 5.58 32.70 -5.73
C VAL B 190 6.91 31.94 -5.76
N GLU B 191 7.86 32.32 -4.91
CA GLU B 191 9.22 31.77 -4.98
C GLU B 191 9.23 30.23 -4.87
N SER B 192 10.14 29.59 -5.61
CA SER B 192 10.12 28.15 -5.79
C SER B 192 11.23 27.46 -4.98
N TYR B 193 10.87 26.46 -4.18
CA TYR B 193 11.87 25.83 -3.32
C TYR B 193 12.05 24.36 -3.70
N LEU B 194 12.40 24.04 -4.94
CA LEU B 194 12.49 22.64 -5.32
C LEU B 194 13.93 22.16 -5.40
N GLY B 195 14.20 20.96 -4.87
CA GLY B 195 15.54 20.40 -4.84
C GLY B 195 16.34 21.01 -3.72
N LEU B 196 15.64 21.77 -2.88
CA LEU B 196 16.24 22.49 -1.77
C LEU B 196 16.35 21.68 -0.46
N HIS B 197 17.49 21.79 0.21
CA HIS B 197 17.67 21.14 1.50
C HIS B 197 17.29 22.11 2.62
N PHE B 198 16.81 21.58 3.74
CA PHE B 198 16.49 22.39 4.90
C PHE B 198 17.10 21.80 6.14
N PRO B 199 17.33 22.63 7.16
CA PRO B 199 17.83 22.05 8.40
C PRO B 199 16.83 21.06 9.00
N ALA B 200 17.32 20.15 9.84
CA ALA B 200 16.45 19.23 10.55
C ALA B 200 15.76 20.00 11.67
N SER B 201 16.28 21.19 11.93
CA SER B 201 15.84 22.03 13.03
C SER B 201 14.55 22.80 12.71
N ASP B 202 14.25 22.97 11.42
CA ASP B 202 13.09 23.76 11.03
C ASP B 202 11.81 23.13 11.57
N ILE B 203 11.92 21.86 11.96
CA ILE B 203 10.95 21.19 12.83
C ILE B 203 11.73 20.33 13.85
N PRO B 204 11.74 20.75 15.13
CA PRO B 204 12.49 20.08 16.21
C PRO B 204 11.94 18.72 16.61
N ALA B 205 12.67 18.05 17.51
CA ALA B 205 12.36 16.68 17.97
C ALA B 205 10.93 16.44 18.45
N GLN B 206 10.44 17.19 19.44
CA GLN B 206 9.10 16.95 19.98
C GLN B 206 8.07 17.19 18.91
N ALA B 207 8.26 18.26 18.15
CA ALA B 207 7.34 18.66 17.11
C ALA B 207 7.01 17.47 16.22
N ARG B 208 8.03 16.66 15.96
CA ARG B 208 7.93 15.52 15.05
C ARG B 208 7.12 14.31 15.55
N ARG B 209 7.27 13.93 16.82
CA ARG B 209 6.48 12.80 17.36
C ARG B 209 5.01 13.12 17.24
N LEU B 210 4.74 14.43 17.24
CA LEU B 210 3.40 14.95 17.26
C LEU B 210 2.83 14.83 15.87
N TYR B 211 3.65 15.12 14.87
CA TYR B 211 3.25 14.99 13.48
C TYR B 211 3.29 13.52 13.10
N THR B 212 3.99 12.75 13.93
CA THR B 212 3.97 11.29 13.82
C THR B 212 2.66 10.76 14.40
N ILE B 213 2.08 11.47 15.36
CA ILE B 213 0.85 10.97 15.99
C ILE B 213 -0.41 11.80 15.69
N ASN B 214 -0.32 13.14 15.71
CA ASN B 214 -1.36 13.96 15.09
C ASN B 214 -0.89 14.28 13.67
N PRO B 215 -1.49 13.61 12.68
CA PRO B 215 -0.93 13.58 11.33
C PRO B 215 -1.13 14.84 10.50
N VAL B 216 -1.84 15.83 11.04
CA VAL B 216 -2.21 16.98 10.23
C VAL B 216 -2.30 18.28 11.04
N ARG B 217 -2.06 19.41 10.37
CA ARG B 217 -2.04 20.72 11.03
C ARG B 217 -2.38 21.89 10.10
N ILE B 218 -3.23 22.81 10.54
CA ILE B 218 -3.44 24.05 9.80
C ILE B 218 -3.46 25.31 10.68
N ILE B 219 -2.63 26.29 10.32
CA ILE B 219 -2.83 27.63 10.84
C ILE B 219 -3.15 28.57 9.66
N PRO B 220 -4.27 29.27 9.74
CA PRO B 220 -4.65 30.03 8.54
C PRO B 220 -4.08 31.44 8.53
N ASP B 221 -4.08 32.13 9.66
CA ASP B 221 -3.39 33.40 9.77
C ASP B 221 -2.28 33.23 10.79
N ILE B 222 -1.07 33.67 10.45
CA ILE B 222 0.07 33.44 11.35
C ILE B 222 0.27 34.57 12.36
N ASN B 223 -0.54 35.61 12.27
CA ASN B 223 -0.46 36.66 13.28
C ASN B 223 -1.80 36.70 14.03
N TYR B 224 -2.45 35.56 14.07
CA TYR B 224 -3.53 35.32 15.04
C TYR B 224 -3.01 35.73 16.40
N ARG B 225 -3.81 36.45 17.18
CA ARG B 225 -3.41 36.73 18.55
C ARG B 225 -4.01 35.66 19.45
N PRO B 226 -3.14 34.96 20.20
CA PRO B 226 -3.55 33.73 20.89
C PRO B 226 -4.57 34.06 21.95
N VAL B 227 -5.64 33.29 21.97
CA VAL B 227 -6.66 33.50 22.97
C VAL B 227 -6.57 32.33 23.94
N PRO B 228 -6.17 32.60 25.19
CA PRO B 228 -5.79 31.57 26.15
C PRO B 228 -6.87 30.54 26.46
N VAL B 229 -6.48 29.45 27.10
CA VAL B 229 -7.45 28.50 27.64
C VAL B 229 -7.45 28.66 29.15
N THR B 230 -8.64 28.72 29.73
CA THR B 230 -8.77 28.94 31.16
C THR B 230 -9.69 27.92 31.84
N PRO B 231 -9.13 27.12 32.75
CA PRO B 231 -7.70 27.28 33.02
C PRO B 231 -6.88 26.39 32.11
N ASP B 232 -5.57 26.42 32.30
CA ASP B 232 -4.71 25.38 31.74
C ASP B 232 -4.34 24.48 32.91
N LEU B 233 -5.39 23.99 33.56
CA LEU B 233 -5.25 22.99 34.60
C LEU B 233 -6.03 21.80 34.06
N ASN B 234 -5.39 20.64 34.02
CA ASN B 234 -6.13 19.42 33.74
C ASN B 234 -6.85 19.16 35.06
N PRO B 235 -8.18 19.14 35.07
CA PRO B 235 -8.77 18.86 36.38
C PRO B 235 -8.64 17.38 36.73
N VAL B 236 -8.58 16.53 35.71
CA VAL B 236 -8.35 15.10 35.85
C VAL B 236 -6.97 14.67 36.37
N THR B 237 -5.90 15.12 35.71
CA THR B 237 -4.54 14.70 36.09
C THR B 237 -3.73 15.83 36.71
N GLY B 238 -4.43 16.91 37.05
CA GLY B 238 -3.88 18.08 37.71
C GLY B 238 -2.55 18.70 37.25
N ARG B 239 -2.50 19.13 35.99
CA ARG B 239 -1.31 19.77 35.41
C ARG B 239 -1.85 20.51 34.16
N PRO B 240 -1.01 21.22 33.37
CA PRO B 240 -1.58 21.91 32.21
C PRO B 240 -2.43 21.11 31.21
N ILE B 241 -3.13 21.84 30.34
CA ILE B 241 -4.06 21.26 29.37
C ILE B 241 -3.31 20.67 28.18
N ASP B 242 -3.23 19.35 28.13
CA ASP B 242 -2.72 18.67 26.95
C ASP B 242 -3.62 18.96 25.76
N LEU B 243 -3.10 19.72 24.81
CA LEU B 243 -3.88 20.14 23.65
C LEU B 243 -3.38 19.41 22.41
N SER B 244 -3.02 18.14 22.59
CA SER B 244 -2.36 17.39 21.52
C SER B 244 -3.21 17.18 20.27
N PHE B 245 -4.37 16.55 20.40
CA PHE B 245 -5.18 16.37 19.20
C PHE B 245 -6.11 17.56 19.01
N ALA B 246 -5.79 18.65 19.67
CA ALA B 246 -6.44 19.89 19.38
C ALA B 246 -5.86 20.37 18.05
N ILE B 247 -6.72 20.66 17.10
CA ILE B 247 -6.30 21.19 15.80
C ILE B 247 -6.39 22.71 15.82
N LEU B 248 -6.90 23.25 16.93
CA LEU B 248 -7.03 24.69 17.13
C LEU B 248 -5.91 25.23 17.98
N ARG B 249 -5.08 24.32 18.47
CA ARG B 249 -4.06 24.61 19.47
C ARG B 249 -3.22 25.84 19.14
N SER B 250 -2.75 26.53 20.17
CA SER B 250 -1.86 27.66 19.95
C SER B 250 -0.54 27.10 19.49
N VAL B 251 0.01 27.70 18.45
CA VAL B 251 1.25 27.18 17.90
C VAL B 251 2.41 28.04 18.36
N SER B 252 3.60 27.47 18.19
CA SER B 252 4.83 28.07 18.68
C SER B 252 5.08 29.41 17.99
N PRO B 253 5.51 30.43 18.76
CA PRO B 253 5.91 31.73 18.19
C PRO B 253 7.22 31.64 17.41
N VAL B 254 8.03 30.64 17.72
CA VAL B 254 9.27 30.42 16.99
C VAL B 254 8.98 30.13 15.52
N HIS B 255 8.03 29.22 15.28
CA HIS B 255 7.60 28.93 13.93
C HIS B 255 6.68 30.02 13.37
N LEU B 256 6.28 30.98 14.23
CA LEU B 256 5.54 32.14 13.79
C LEU B 256 6.56 33.11 13.22
N GLU B 257 7.62 33.34 13.99
CA GLU B 257 8.86 33.95 13.50
C GLU B 257 9.27 33.42 12.13
N TYR B 258 9.12 32.10 11.95
CA TYR B 258 9.39 31.44 10.68
C TYR B 258 8.61 32.00 9.49
N MET B 259 7.30 32.17 9.64
CA MET B 259 6.44 32.41 8.49
C MET B 259 6.25 33.91 8.24
N ARG B 260 6.73 34.74 9.16
CA ARG B 260 6.81 36.17 8.88
C ARG B 260 8.08 36.39 8.09
N ASN B 261 9.10 35.61 8.41
CA ASN B 261 10.32 35.58 7.61
C ASN B 261 10.02 35.17 6.20
N ILE B 262 9.50 33.95 6.04
CA ILE B 262 9.27 33.38 4.71
C ILE B 262 8.25 34.20 3.92
N GLY B 263 7.38 34.92 4.62
CA GLY B 263 6.45 35.84 3.98
C GLY B 263 5.17 35.16 3.55
N MET B 264 4.98 33.93 3.99
CA MET B 264 3.75 33.19 3.71
C MET B 264 2.87 33.16 4.95
N HIS B 265 1.68 33.74 4.86
CA HIS B 265 0.86 33.89 6.07
C HIS B 265 -0.30 32.91 6.20
N GLY B 266 -0.49 32.06 5.19
CA GLY B 266 -1.48 30.99 5.30
C GLY B 266 -0.81 29.66 5.07
N THR B 267 -0.81 28.78 6.07
CA THR B 267 -0.13 27.50 5.91
C THR B 267 -0.85 26.31 6.55
N MET B 268 -0.65 25.15 5.95
CA MET B 268 -1.17 23.89 6.46
C MET B 268 -0.18 22.80 6.08
N SER B 269 0.04 21.81 6.93
CA SER B 269 0.82 20.67 6.48
C SER B 269 0.10 19.36 6.72
N ILE B 270 0.55 18.34 6.01
CA ILE B 270 0.19 16.98 6.33
C ILE B 270 1.46 16.17 6.41
N SER B 271 1.54 15.36 7.46
CA SER B 271 2.68 14.48 7.69
C SER B 271 2.45 13.16 6.99
N ILE B 272 3.51 12.60 6.43
CA ILE B 272 3.41 11.37 5.68
C ILE B 272 3.98 10.19 6.44
N LEU B 273 3.11 9.24 6.76
CA LEU B 273 3.51 8.15 7.64
C LEU B 273 3.59 6.82 6.92
N ARG B 274 4.82 6.38 6.77
CA ARG B 274 5.16 5.02 6.39
C ARG B 274 5.54 4.20 7.62
N GLY B 275 4.57 3.49 8.18
CA GLY B 275 4.84 2.58 9.29
C GLY B 275 5.32 3.28 10.54
N GLU B 276 4.53 4.25 11.03
CA GLU B 276 4.70 4.87 12.36
C GLU B 276 5.95 5.72 12.48
N ARG B 277 6.64 5.92 11.35
CA ARG B 277 7.82 6.78 11.30
C ARG B 277 7.64 7.91 10.31
N LEU B 278 7.91 9.15 10.75
CA LEU B 278 7.64 10.30 9.92
C LEU B 278 8.64 10.31 8.75
N TRP B 279 8.09 10.11 7.56
CA TRP B 279 8.88 9.87 6.35
C TRP B 279 9.08 11.22 5.71
N GLY B 280 8.03 12.02 5.74
CA GLY B 280 8.07 13.35 5.16
C GLY B 280 6.81 14.14 5.41
N LEU B 281 6.66 15.26 4.70
CA LEU B 281 5.56 16.15 5.01
C LEU B 281 5.04 16.85 3.75
N ILE B 282 3.72 16.87 3.59
CA ILE B 282 3.10 17.77 2.65
C ILE B 282 2.99 19.13 3.32
N ALA B 283 3.92 20.03 3.02
CA ALA B 283 3.84 21.37 3.58
C ALA B 283 3.18 22.29 2.57
N CYS B 284 1.99 22.78 2.90
CA CYS B 284 1.28 23.68 2.01
C CYS B 284 1.51 25.11 2.48
N HIS B 285 1.34 26.08 1.58
CA HIS B 285 1.68 27.47 1.84
C HIS B 285 0.74 28.46 1.14
N HIS B 286 0.71 29.70 1.63
CA HIS B 286 -0.11 30.74 1.03
C HIS B 286 0.48 32.13 1.36
N ARG B 287 0.45 33.02 0.39
CA ARG B 287 0.97 34.38 0.53
C ARG B 287 0.09 35.16 1.50
N LYS B 288 -1.21 34.99 1.39
CA LYS B 288 -2.14 35.53 2.38
C LYS B 288 -2.66 34.43 3.30
N PRO B 289 -3.37 34.82 4.35
CA PRO B 289 -4.00 33.79 5.16
C PRO B 289 -5.05 33.01 4.38
N ASN B 290 -5.30 31.76 4.77
CA ASN B 290 -6.35 30.98 4.13
C ASN B 290 -6.80 29.79 4.97
N TYR B 291 -8.12 29.61 5.02
CA TYR B 291 -8.77 28.58 5.82
C TYR B 291 -9.25 27.47 4.91
N VAL B 292 -8.97 26.24 5.28
CA VAL B 292 -9.51 25.09 4.58
C VAL B 292 -10.49 24.42 5.53
N ASP B 293 -11.75 24.29 5.12
CA ASP B 293 -12.76 23.70 5.98
C ASP B 293 -12.46 22.21 6.20
N LEU B 294 -13.18 21.61 7.14
CA LEU B 294 -12.81 20.30 7.68
C LEU B 294 -12.83 19.11 6.70
N ASP B 295 -13.99 18.81 6.10
CA ASP B 295 -14.06 17.76 5.07
C ASP B 295 -13.05 18.06 3.97
N GLY B 296 -12.78 19.35 3.80
CA GLY B 296 -11.86 19.82 2.79
C GLY B 296 -10.44 19.42 3.18
N ARG B 297 -10.16 19.38 4.49
CA ARG B 297 -8.83 18.99 4.96
C ARG B 297 -8.68 17.51 5.28
N GLN B 298 -9.78 16.77 5.22
CA GLN B 298 -9.71 15.32 5.37
C GLN B 298 -9.21 14.69 4.07
N ALA B 299 -9.69 15.22 2.96
CA ALA B 299 -9.25 14.79 1.63
C ALA B 299 -7.74 14.94 1.44
N CYS B 300 -7.16 16.01 1.98
CA CYS B 300 -5.73 16.30 1.82
C CYS B 300 -4.87 15.20 2.40
N GLU B 301 -5.23 14.81 3.62
CA GLU B 301 -4.61 13.70 4.32
C GLU B 301 -4.68 12.35 3.65
N LEU B 302 -5.86 12.00 3.16
CA LEU B 302 -6.08 10.67 2.59
C LEU B 302 -5.12 10.47 1.43
N VAL B 303 -4.77 11.57 0.76
CA VAL B 303 -3.84 11.57 -0.34
C VAL B 303 -2.46 11.08 0.14
N ALA B 304 -2.04 11.58 1.30
CA ALA B 304 -0.73 11.23 1.87
C ALA B 304 -0.66 9.75 2.26
N GLN B 305 -1.76 9.22 2.77
CA GLN B 305 -1.86 7.78 3.06
C GLN B 305 -1.76 6.95 1.80
N VAL B 306 -2.36 7.44 0.69
CA VAL B 306 -2.28 6.74 -0.58
C VAL B 306 -0.83 6.67 -1.02
N LEU B 307 -0.12 7.76 -0.75
CA LEU B 307 1.26 7.91 -1.17
C LEU B 307 2.14 7.15 -0.20
N ALA B 308 1.69 7.07 1.04
CA ALA B 308 2.37 6.27 2.05
C ALA B 308 2.40 4.79 1.65
N TRP B 309 1.41 4.34 0.87
CA TRP B 309 1.44 2.98 0.31
C TRP B 309 2.11 3.01 -1.07
N GLN B 310 1.78 4.02 -1.89
CA GLN B 310 2.28 4.14 -3.27
C GLN B 310 3.81 4.24 -3.28
N ILE B 311 4.37 5.01 -2.35
CA ILE B 311 5.80 5.03 -2.15
C ILE B 311 6.31 3.65 -1.71
N GLY B 312 5.50 2.97 -0.89
CA GLY B 312 5.82 1.63 -0.45
C GLY B 312 5.71 0.64 -1.57
N VAL B 313 4.98 1.02 -2.59
CA VAL B 313 4.89 0.22 -3.80
C VAL B 313 6.24 0.33 -4.51
N MET B 314 6.63 1.55 -4.87
CA MET B 314 7.96 1.85 -5.44
C MET B 314 9.14 1.31 -4.63
N GLU B 315 9.01 1.42 -3.31
CA GLU B 315 10.02 0.92 -2.37
C GLU B 315 10.34 -0.54 -2.62
N GLU B 316 9.35 -1.31 -3.07
CA GLU B 316 9.47 -2.75 -3.09
C GLU B 316 9.65 -3.37 -4.51
N GLN B 317 9.27 -2.65 -5.56
CA GLN B 317 9.50 -3.16 -6.93
C GLN B 317 10.82 -2.71 -7.54
N ALA B 318 11.50 -1.76 -6.90
CA ALA B 318 12.89 -1.48 -7.25
C ALA B 318 13.73 -2.48 -6.46
N ILE B 319 13.19 -2.86 -5.31
CA ILE B 319 13.78 -3.87 -4.45
C ILE B 319 13.86 -5.27 -5.07
N THR B 320 13.08 -5.53 -6.13
CA THR B 320 13.18 -6.79 -6.84
C THR B 320 13.60 -6.62 -8.32
N ARG B 321 13.65 -5.38 -8.80
CA ARG B 321 14.09 -5.10 -10.18
C ARG B 321 15.61 -5.06 -10.24
N GLN B 322 16.22 -5.01 -9.05
CA GLN B 322 17.67 -5.06 -8.87
C GLN B 322 18.28 -6.44 -8.55
N THR B 323 17.52 -7.29 -7.88
CA THR B 323 18.05 -8.57 -7.40
C THR B 323 18.25 -9.52 -8.57
N LEU B 324 17.67 -9.13 -9.70
CA LEU B 324 17.78 -9.86 -10.95
C LEU B 324 19.18 -9.75 -11.55
N LYS B 325 19.58 -8.52 -11.88
CA LYS B 325 20.85 -8.20 -12.56
C LYS B 325 22.10 -7.77 -11.74
N GLY B 326 22.25 -8.05 -10.44
CA GLY B 326 21.52 -9.04 -9.66
C GLY B 326 22.19 -10.40 -9.65
N GLN B 327 21.42 -11.43 -10.00
CA GLN B 327 21.87 -12.83 -10.03
C GLN B 327 22.91 -13.18 -11.09
N ALA B 328 22.68 -12.72 -12.32
CA ALA B 328 23.39 -13.22 -13.49
C ALA B 328 24.92 -13.16 -13.39
N ILE B 329 25.47 -12.04 -12.92
CA ILE B 329 26.92 -11.94 -12.77
C ILE B 329 27.36 -12.33 -11.35
N GLN B 330 26.44 -12.21 -10.40
CA GLN B 330 26.70 -12.59 -9.01
C GLN B 330 26.95 -14.09 -8.85
N ARG B 331 26.00 -14.89 -9.31
CA ARG B 331 26.03 -16.33 -9.15
C ARG B 331 27.35 -16.87 -9.70
N SER B 332 27.84 -16.19 -10.74
CA SER B 332 29.17 -16.42 -11.32
C SER B 332 30.35 -16.30 -10.35
N LEU B 333 30.44 -15.18 -9.65
CA LEU B 333 31.53 -15.02 -8.71
C LEU B 333 31.18 -15.58 -7.34
N ILE B 334 30.19 -16.47 -7.35
CA ILE B 334 29.82 -17.21 -6.16
C ILE B 334 30.49 -18.56 -6.31
N ASN B 335 30.24 -19.21 -7.45
CA ASN B 335 31.00 -20.39 -7.90
C ASN B 335 32.51 -20.18 -8.04
N ASP B 336 32.96 -18.93 -8.18
CA ASP B 336 34.40 -18.63 -8.26
C ASP B 336 34.96 -18.35 -6.88
N ILE B 337 34.04 -18.20 -5.94
CA ILE B 337 34.37 -18.10 -4.54
C ILE B 337 33.99 -19.40 -3.89
N GLU B 338 33.06 -20.11 -4.54
CA GLU B 338 32.63 -21.41 -4.04
C GLU B 338 33.72 -22.40 -4.43
N GLN B 339 34.80 -21.91 -5.03
CA GLN B 339 35.97 -22.76 -5.09
C GLN B 339 36.57 -22.60 -3.70
N LEU B 340 35.88 -23.23 -2.76
CA LEU B 340 36.25 -23.19 -1.37
C LEU B 340 36.97 -24.47 -1.00
N HIS B 341 38.29 -24.46 -1.09
CA HIS B 341 39.02 -25.45 -0.32
C HIS B 341 38.95 -24.74 1.02
N ASP B 342 39.23 -23.44 0.98
CA ASP B 342 38.68 -22.45 1.91
C ASP B 342 38.53 -21.12 1.13
N HIS B 343 38.00 -20.08 1.78
CA HIS B 343 37.36 -18.96 1.09
C HIS B 343 38.22 -17.78 0.60
N ARG B 344 39.27 -17.42 1.34
CA ARG B 344 40.08 -16.24 0.94
C ARG B 344 40.70 -16.42 -0.46
N ALA B 345 41.27 -17.60 -0.71
CA ALA B 345 41.75 -17.95 -2.04
C ALA B 345 40.59 -17.95 -3.02
N GLY B 346 39.41 -18.29 -2.52
CA GLY B 346 38.19 -18.23 -3.32
C GLY B 346 37.67 -16.82 -3.46
N LEU B 347 37.33 -16.19 -2.32
CA LEU B 347 36.83 -14.81 -2.28
C LEU B 347 37.72 -13.71 -2.84
N ALA B 348 38.95 -13.63 -2.33
CA ALA B 348 39.85 -12.51 -2.65
C ALA B 348 40.46 -12.61 -4.03
N ARG B 349 40.25 -13.75 -4.64
CA ARG B 349 40.60 -13.96 -6.02
C ARG B 349 39.60 -13.21 -6.89
N ASN B 350 38.32 -13.42 -6.61
CA ASN B 350 37.24 -12.66 -7.21
C ASN B 350 36.71 -11.50 -6.37
N SER B 351 37.43 -11.13 -5.31
CA SER B 351 37.02 -10.00 -4.47
C SER B 351 37.24 -8.71 -5.24
N GLU B 352 38.32 -8.69 -6.01
CA GLU B 352 38.70 -7.53 -6.80
C GLU B 352 37.58 -7.32 -7.81
N ALA B 353 36.75 -8.34 -7.94
CA ALA B 353 35.52 -8.26 -8.70
C ALA B 353 34.36 -7.93 -7.77
N LEU B 354 34.24 -8.62 -6.64
CA LEU B 354 33.07 -8.40 -5.76
C LEU B 354 33.22 -7.06 -5.08
N LEU B 355 34.40 -6.45 -5.15
CA LEU B 355 34.61 -5.13 -4.57
C LEU B 355 33.99 -4.06 -5.45
N GLU B 356 33.97 -4.30 -6.75
CA GLU B 356 33.34 -3.37 -7.68
C GLU B 356 31.83 -3.39 -7.57
N LEU B 357 31.29 -4.39 -6.88
CA LEU B 357 29.85 -4.46 -6.71
C LEU B 357 29.27 -3.25 -6.00
N MET B 358 29.87 -2.87 -4.88
CA MET B 358 29.28 -1.90 -3.98
C MET B 358 30.03 -0.59 -3.74
N GLY B 359 30.80 -0.11 -4.72
CA GLY B 359 31.65 1.04 -4.47
C GLY B 359 32.46 0.75 -3.22
N ALA B 360 33.07 -0.43 -3.20
CA ALA B 360 33.90 -0.84 -2.08
C ALA B 360 35.29 -0.25 -2.23
N SER B 361 35.55 0.78 -1.43
CA SER B 361 36.82 1.47 -1.44
C SER B 361 37.79 0.54 -0.78
N GLY B 362 37.31 -0.03 0.30
CA GLY B 362 37.93 -1.16 0.97
C GLY B 362 36.77 -1.85 1.64
N LEU B 363 37.01 -3.03 2.17
CA LEU B 363 36.05 -3.65 3.05
C LEU B 363 36.82 -4.29 4.18
N CYS B 364 36.11 -4.90 5.13
CA CYS B 364 36.79 -5.68 6.13
C CYS B 364 35.95 -6.87 6.57
N LEU B 365 36.64 -7.91 7.01
CA LEU B 365 35.97 -9.06 7.57
C LEU B 365 36.15 -8.89 9.05
N HIS B 366 35.08 -8.89 9.82
CA HIS B 366 35.29 -8.74 11.25
C HIS B 366 34.70 -9.89 12.04
N SER B 367 35.56 -10.83 12.41
CA SER B 367 35.30 -11.76 13.49
C SER B 367 36.22 -11.27 14.60
N ARG B 368 35.84 -11.54 15.85
CA ARG B 368 36.48 -10.94 17.02
C ARG B 368 37.95 -11.31 17.04
N GLU B 369 38.22 -12.47 16.48
CA GLU B 369 39.58 -13.01 16.30
C GLU B 369 40.15 -12.67 14.94
N GLY B 370 39.35 -12.88 13.90
CA GLY B 370 39.88 -12.74 12.56
C GLY B 370 39.26 -11.57 11.86
N VAL B 371 40.10 -10.57 11.64
CA VAL B 371 39.75 -9.41 10.86
C VAL B 371 40.57 -9.42 9.58
N ILE B 372 39.87 -9.48 8.44
CA ILE B 372 40.53 -9.53 7.13
C ILE B 372 40.08 -8.41 6.22
N THR B 373 41.05 -7.67 5.72
CA THR B 373 40.80 -6.50 4.91
C THR B 373 40.93 -6.82 3.44
N ILE B 374 39.91 -6.46 2.67
CA ILE B 374 40.06 -6.47 1.22
C ILE B 374 40.05 -5.03 0.71
N GLY B 375 41.16 -4.62 0.11
CA GLY B 375 41.33 -3.27 -0.38
C GLY B 375 41.83 -2.30 0.66
N GLN B 376 41.17 -1.16 0.78
CA GLN B 376 41.72 -0.04 1.53
C GLN B 376 41.26 -0.10 2.98
N THR B 377 42.23 0.01 3.88
CA THR B 377 42.05 -0.47 5.24
C THR B 377 42.06 0.64 6.28
N PRO B 378 41.05 0.66 7.16
CA PRO B 378 41.15 1.36 8.45
C PRO B 378 41.52 0.33 9.55
N PRO B 379 42.31 0.75 10.55
CA PRO B 379 43.01 -0.24 11.39
C PRO B 379 42.36 -0.75 12.70
N GLY B 380 42.25 0.04 13.77
CA GLY B 380 41.95 -0.55 15.07
C GLY B 380 40.67 -0.24 15.82
N PRO B 381 40.07 0.93 15.57
CA PRO B 381 38.65 1.19 15.86
C PRO B 381 37.72 0.68 14.75
N ILE B 382 38.30 -0.03 13.77
CA ILE B 382 37.51 -0.85 12.88
C ILE B 382 36.87 -1.96 13.71
N ILE B 383 37.68 -2.54 14.60
CA ILE B 383 37.32 -3.72 15.35
C ILE B 383 36.31 -3.37 16.43
N ASP B 384 36.75 -2.51 17.32
CA ASP B 384 36.11 -2.27 18.56
C ASP B 384 35.04 -1.18 18.43
N GLN B 385 35.38 -0.08 17.80
CA GLN B 385 34.46 1.06 17.69
C GLN B 385 33.43 0.90 16.57
N LEU B 386 33.44 -0.21 15.84
CA LEU B 386 32.41 -0.38 14.82
C LEU B 386 31.51 -1.60 15.02
N ALA B 387 32.04 -2.67 15.59
CA ALA B 387 31.23 -3.86 15.79
C ALA B 387 30.42 -3.76 17.06
N GLN B 388 30.89 -2.93 17.98
CA GLN B 388 30.12 -2.61 19.16
C GLN B 388 29.16 -1.50 18.80
N LEU B 389 29.53 -0.76 17.76
CA LEU B 389 28.68 0.28 17.21
C LEU B 389 27.64 -0.40 16.34
N ALA B 390 27.90 -1.66 16.01
CA ALA B 390 27.19 -2.40 14.97
C ALA B 390 25.84 -2.93 15.44
N GLY B 391 25.90 -3.79 16.45
CA GLY B 391 24.73 -4.56 16.83
C GLY B 391 24.06 -3.95 18.03
N ARG B 392 24.74 -3.05 18.71
CA ARG B 392 24.09 -2.28 19.76
C ARG B 392 23.16 -1.30 19.10
N SER B 393 21.92 -1.30 19.57
CA SER B 393 20.85 -0.64 18.82
C SER B 393 20.89 -1.18 17.39
N GLY B 394 21.21 -2.46 17.26
CA GLY B 394 21.05 -3.12 15.98
C GLY B 394 19.58 -3.08 15.63
N GLY B 395 18.72 -3.29 16.63
CA GLY B 395 17.28 -3.27 16.43
C GLY B 395 16.81 -4.20 15.34
N SER B 396 17.57 -5.28 15.13
CA SER B 396 17.29 -6.32 14.13
C SER B 396 17.58 -5.85 12.71
N GLU B 397 17.79 -4.56 12.55
CA GLU B 397 17.98 -3.94 11.24
C GLU B 397 19.46 -3.58 11.16
N LEU B 398 19.91 -3.25 9.97
CA LEU B 398 21.34 -3.05 9.73
C LEU B 398 21.75 -1.61 9.93
N PHE B 399 23.05 -1.39 9.92
CA PHE B 399 23.54 -0.05 10.04
C PHE B 399 24.31 0.26 8.79
N GLN B 400 24.10 1.48 8.33
CA GLN B 400 24.70 2.03 7.17
C GLN B 400 24.89 3.46 7.56
N THR B 401 25.95 4.08 7.08
CA THR B 401 26.01 5.51 7.28
C THR B 401 26.85 6.13 6.19
N ASP B 402 26.48 7.35 5.89
CA ASP B 402 27.13 8.20 4.93
C ASP B 402 28.21 9.02 5.60
N ARG B 403 28.03 9.23 6.90
CA ARG B 403 28.96 10.01 7.68
C ARG B 403 29.46 9.24 8.88
N LEU B 404 30.75 9.36 9.15
CA LEU B 404 31.32 8.67 10.30
C LEU B 404 31.86 9.62 11.36
N SER B 405 32.26 10.81 10.96
CA SER B 405 32.70 11.81 11.93
C SER B 405 31.52 12.30 12.79
N THR B 406 30.30 12.04 12.34
CA THR B 406 29.09 12.40 13.07
C THR B 406 28.64 11.27 13.99
N ILE B 407 29.02 10.04 13.66
CA ILE B 407 28.59 8.89 14.46
C ILE B 407 29.72 8.34 15.33
N ILE B 408 30.96 8.29 14.81
CA ILE B 408 32.14 8.22 15.69
C ILE B 408 33.09 9.40 15.38
N PRO B 409 33.09 10.42 16.25
CA PRO B 409 33.70 11.74 15.97
C PRO B 409 35.15 11.69 15.48
N GLU B 410 35.95 10.77 16.01
CA GLU B 410 37.35 10.62 15.59
C GLU B 410 37.55 10.14 14.15
N ALA B 411 36.49 9.69 13.48
CA ALA B 411 36.62 9.28 12.09
C ALA B 411 36.96 10.43 11.15
N GLY B 412 36.87 11.67 11.65
CA GLY B 412 37.25 12.84 10.89
C GLY B 412 38.63 12.84 10.27
N ALA B 413 39.60 12.26 10.98
CA ALA B 413 40.98 12.20 10.49
C ALA B 413 41.11 11.22 9.32
N PHE B 414 40.27 10.18 9.32
CA PHE B 414 40.27 9.16 8.28
C PHE B 414 39.20 9.27 7.22
N ALA B 415 38.73 10.48 6.95
CA ALA B 415 37.64 10.66 5.98
C ALA B 415 38.00 10.19 4.56
N GLU B 416 39.28 10.14 4.24
CA GLU B 416 39.71 9.76 2.89
C GLU B 416 39.41 8.29 2.54
N VAL B 417 39.26 7.45 3.55
CA VAL B 417 39.00 6.04 3.33
C VAL B 417 37.78 5.54 4.11
N ALA B 418 37.29 6.36 5.02
CA ALA B 418 36.23 5.89 5.91
C ALA B 418 35.00 6.79 6.08
N SER B 419 34.86 7.84 5.27
CA SER B 419 33.79 8.82 5.45
C SER B 419 32.37 8.24 5.57
N GLY B 420 32.07 7.19 4.82
CA GLY B 420 30.79 6.50 4.92
C GLY B 420 31.05 5.02 5.09
N VAL B 421 30.12 4.30 5.71
CA VAL B 421 30.34 2.89 6.02
C VAL B 421 29.04 2.09 5.95
N LEU B 422 29.15 0.83 5.55
CA LEU B 422 28.06 -0.13 5.62
C LEU B 422 28.49 -1.38 6.37
N ALA B 423 27.57 -1.96 7.14
CA ALA B 423 27.84 -3.21 7.84
C ALA B 423 26.62 -4.09 8.01
N VAL B 424 26.84 -5.40 7.93
CA VAL B 424 25.78 -6.40 8.04
C VAL B 424 26.11 -7.36 9.17
N PRO B 425 25.18 -7.53 10.12
CA PRO B 425 25.52 -8.54 11.12
C PRO B 425 25.30 -9.97 10.66
N LEU B 426 26.09 -10.85 11.23
CA LEU B 426 25.79 -12.26 11.26
C LEU B 426 25.42 -12.36 12.73
N SER B 427 24.21 -12.87 12.97
CA SER B 427 23.17 -12.04 13.60
C SER B 427 23.04 -11.83 15.13
N ARG B 428 23.09 -12.89 15.94
CA ARG B 428 23.02 -12.72 17.41
C ARG B 428 24.04 -11.77 18.09
N THR B 429 23.54 -10.88 18.96
CA THR B 429 24.37 -9.95 19.72
C THR B 429 25.04 -10.54 20.97
N PRO B 430 26.35 -10.89 20.91
CA PRO B 430 27.29 -11.22 19.84
C PRO B 430 27.38 -12.76 19.75
N PRO B 431 28.47 -13.39 19.22
CA PRO B 431 29.75 -13.07 18.59
C PRO B 431 29.57 -12.04 17.49
N ARG B 432 28.35 -12.01 16.95
CA ARG B 432 27.92 -11.00 16.01
C ARG B 432 29.04 -10.71 15.03
N ARG B 433 29.43 -11.69 14.21
CA ARG B 433 30.52 -11.46 13.29
C ARG B 433 29.89 -10.57 12.25
N VAL B 434 30.54 -9.44 12.00
CA VAL B 434 29.95 -8.42 11.19
C VAL B 434 30.91 -8.13 10.06
N MET B 435 30.35 -8.12 8.86
CA MET B 435 31.08 -7.80 7.65
C MET B 435 30.86 -6.34 7.40
N LEU B 436 31.83 -5.68 6.77
CA LEU B 436 31.60 -4.27 6.48
C LEU B 436 32.36 -3.70 5.28
N TRP B 437 31.59 -3.00 4.45
CA TRP B 437 32.08 -2.31 3.26
C TRP B 437 32.06 -0.82 3.57
N PHE B 438 33.06 -0.07 3.11
CA PHE B 438 33.00 1.39 3.29
C PHE B 438 33.24 2.19 2.02
N ARG B 439 32.95 3.48 2.11
CA ARG B 439 33.08 4.40 0.98
C ARG B 439 33.83 5.65 1.32
N PRO B 440 34.65 6.16 0.39
CA PRO B 440 35.33 7.39 0.74
C PRO B 440 34.40 8.57 0.52
N GLU B 441 34.92 9.75 0.80
CA GLU B 441 34.17 11.00 0.80
C GLU B 441 34.03 11.56 -0.62
N VAL B 442 32.88 12.13 -0.92
CA VAL B 442 32.69 12.78 -2.21
C VAL B 442 32.27 14.23 -2.03
N ALA B 443 32.88 15.09 -2.83
CA ALA B 443 32.58 16.50 -2.81
C ALA B 443 31.35 16.80 -3.64
N GLN B 444 30.20 16.92 -2.97
CA GLN B 444 28.98 17.34 -3.65
C GLN B 444 28.73 18.79 -3.27
N THR B 445 27.98 19.51 -4.09
CA THR B 445 27.56 20.85 -3.72
C THR B 445 26.07 20.79 -3.41
N VAL B 446 25.74 21.12 -2.18
CA VAL B 446 24.36 21.14 -1.75
C VAL B 446 23.86 22.56 -1.62
N TYR B 447 22.58 22.76 -1.89
CA TYR B 447 21.96 24.08 -1.86
C TYR B 447 21.04 24.15 -0.66
N TRP B 448 20.95 25.35 -0.08
CA TRP B 448 20.09 25.52 1.08
C TRP B 448 19.29 26.81 1.02
N ALA B 449 18.09 26.75 1.62
CA ALA B 449 17.29 27.94 1.91
C ALA B 449 17.98 28.80 2.94
N GLY B 450 18.98 29.57 2.54
CA GLY B 450 19.63 30.40 3.52
C GLY B 450 20.67 29.56 4.21
N ASN B 451 21.55 30.22 4.93
CA ASN B 451 22.58 29.53 5.67
C ASN B 451 21.89 28.59 6.71
N PRO B 452 22.57 27.49 7.10
CA PRO B 452 22.14 26.53 8.12
C PRO B 452 22.51 26.94 9.54
N ASP B 453 22.99 28.15 9.68
CA ASP B 453 23.35 28.69 10.97
C ASP B 453 22.23 29.59 11.45
N LYS B 454 21.71 29.20 12.60
CA LYS B 454 20.46 29.67 13.16
C LYS B 454 20.45 30.86 14.10
N SER B 455 19.23 31.26 14.46
CA SER B 455 18.96 32.28 15.47
C SER B 455 19.92 32.19 16.65
N ARG B 466 15.37 32.40 12.95
CA ARG B 466 16.20 32.69 11.79
C ARG B 466 15.74 33.82 10.90
N THR B 467 16.61 34.18 9.94
CA THR B 467 16.53 35.49 9.32
C THR B 467 15.98 35.60 7.89
N SER B 468 16.57 34.84 6.98
CA SER B 468 16.19 34.87 5.56
C SER B 468 16.63 33.57 4.93
N PHE B 469 15.97 33.14 3.85
CA PHE B 469 16.27 31.81 3.33
C PHE B 469 16.63 31.74 1.83
N ALA B 470 17.25 32.80 1.30
CA ALA B 470 17.76 32.84 -0.08
C ALA B 470 18.81 31.75 -0.37
N ALA B 471 19.04 31.46 -1.65
CA ALA B 471 19.88 30.32 -2.07
C ALA B 471 21.38 30.55 -1.82
N TRP B 472 21.94 29.70 -0.96
CA TRP B 472 23.36 29.70 -0.67
C TRP B 472 23.94 28.27 -0.74
N THR B 473 25.21 28.14 -1.14
CA THR B 473 25.82 26.83 -1.35
C THR B 473 26.79 26.45 -0.25
N GLU B 474 26.76 25.18 0.15
CA GLU B 474 27.76 24.64 1.04
C GLU B 474 28.48 23.54 0.28
N GLN B 475 29.80 23.48 0.41
CA GLN B 475 30.52 22.37 -0.18
C GLN B 475 30.66 21.38 0.94
N THR B 476 30.24 20.14 0.70
CA THR B 476 30.05 19.23 1.82
C THR B 476 31.18 18.21 1.87
N HIS B 477 31.91 18.28 2.98
CA HIS B 477 33.10 17.49 3.27
C HIS B 477 32.84 16.36 4.25
N GLY B 478 33.42 15.20 3.97
CA GLY B 478 33.42 14.09 4.92
C GLY B 478 32.18 13.25 4.72
N ARG B 479 31.51 13.49 3.60
CA ARG B 479 30.26 12.83 3.30
C ARG B 479 30.47 11.80 2.21
N ALA B 480 29.97 10.59 2.43
CA ALA B 480 30.03 9.61 1.37
C ALA B 480 28.72 9.57 0.59
N ILE B 481 28.81 8.99 -0.59
CA ILE B 481 27.69 8.83 -1.48
C ILE B 481 26.88 7.60 -1.08
N ALA B 482 25.57 7.64 -1.36
CA ALA B 482 24.58 6.85 -0.62
C ALA B 482 24.46 5.34 -0.86
N TRP B 483 23.41 4.79 -0.24
CA TRP B 483 22.97 3.44 -0.50
C TRP B 483 21.44 3.33 -0.54
N GLN B 484 20.97 2.59 -1.54
CA GLN B 484 19.59 2.12 -1.62
C GLN B 484 19.79 0.64 -1.79
N PRO B 485 18.73 -0.17 -1.67
CA PRO B 485 19.09 -1.59 -1.72
C PRO B 485 19.69 -2.21 -3.00
N HIS B 486 19.71 -1.63 -4.20
CA HIS B 486 20.41 -2.39 -5.27
C HIS B 486 21.86 -2.62 -4.79
N GLU B 487 22.30 -1.78 -3.85
CA GLU B 487 23.52 -2.07 -3.12
C GLU B 487 23.23 -2.80 -1.79
N VAL B 488 22.31 -2.28 -0.97
CA VAL B 488 21.98 -2.93 0.30
C VAL B 488 21.44 -4.35 0.08
N ALA B 489 20.49 -4.51 -0.86
CA ALA B 489 19.99 -5.83 -1.17
C ALA B 489 21.13 -6.72 -1.67
N ALA B 490 22.10 -6.13 -2.38
CA ALA B 490 23.26 -6.88 -2.81
C ALA B 490 23.89 -7.47 -1.56
N ALA B 491 24.28 -6.58 -0.64
CA ALA B 491 24.94 -6.96 0.60
C ALA B 491 24.20 -8.03 1.39
N VAL B 492 22.88 -7.88 1.48
CA VAL B 492 22.07 -8.86 2.17
C VAL B 492 22.20 -10.19 1.49
N GLU B 493 22.04 -10.19 0.18
CA GLU B 493 22.12 -11.43 -0.58
C GLU B 493 23.51 -12.02 -0.42
N ILE B 494 24.51 -11.14 -0.35
CA ILE B 494 25.92 -11.53 -0.22
C ILE B 494 26.20 -12.29 1.07
N ARG B 495 25.71 -11.77 2.19
CA ARG B 495 25.97 -12.43 3.46
C ARG B 495 25.19 -13.73 3.45
N ASP B 496 24.05 -13.73 2.75
CA ASP B 496 23.22 -14.93 2.70
C ASP B 496 24.04 -15.98 1.98
N LEU B 497 24.85 -15.54 1.02
CA LEU B 497 25.70 -16.48 0.30
C LEU B 497 26.78 -17.02 1.22
N ILE B 498 27.47 -16.12 1.90
CA ILE B 498 28.52 -16.52 2.84
C ILE B 498 27.99 -17.49 3.89
N ILE B 499 26.78 -17.26 4.36
CA ILE B 499 26.19 -18.17 5.32
C ILE B 499 25.95 -19.54 4.70
N ASP B 500 25.30 -19.57 3.54
CA ASP B 500 25.07 -20.82 2.80
C ASP B 500 26.42 -21.52 2.56
N VAL B 501 27.52 -20.74 2.63
CA VAL B 501 28.87 -21.23 2.46
C VAL B 501 29.48 -22.00 3.64
N ILE B 502 29.50 -21.43 4.88
CA ILE B 502 30.06 -22.18 6.01
C ILE B 502 28.98 -23.05 6.67
CHA BLA C . -17.97 -12.16 -17.23
NA BLA C . -18.30 -13.66 -15.27
C1A BLA C . -18.21 -12.45 -15.87
C2A BLA C . -18.32 -11.47 -14.90
C3A BLA C . -18.50 -12.13 -13.70
C4A BLA C . -18.50 -13.52 -13.97
CMA BLA C . -18.67 -11.38 -12.38
CAA BLA C . -18.25 -9.94 -15.15
CBA BLA C . -19.60 -9.16 -15.17
CGA BLA C . -20.43 -9.14 -13.87
O1A BLA C . -21.43 -9.90 -13.81
O2A BLA C . -20.07 -8.35 -12.97
CHB BLA C . -18.65 -14.76 -13.04
NB BLA C . -20.45 -13.57 -11.65
C1B BLA C . -19.50 -14.50 -11.79
C2B BLA C . -19.44 -15.22 -10.61
C3B BLA C . -20.36 -14.68 -9.74
C4B BLA C . -20.96 -13.63 -10.43
CMB BLA C . -18.53 -16.42 -10.33
OB BLA C . -21.84 -12.87 -10.02
CAB BLA C . -20.61 -15.14 -8.45
CBB BLA C . -21.54 -14.54 -7.62
NC BLA C . -18.98 -17.44 -17.63
C1C BLA C . -19.53 -18.60 -17.26
C2C BLA C . -19.29 -19.56 -18.21
C3C BLA C . -18.55 -18.96 -19.22
C4C BLA C . -18.39 -17.62 -18.82
CMC BLA C . -19.79 -21.01 -18.09
OC BLA C . -20.16 -18.80 -16.23
CAC BLA C . -18.02 -19.53 -20.55
CBC BLA C . -17.40 -20.94 -20.47
CHD BLA C . -17.62 -16.60 -19.67
ND BLA C . -17.94 -14.57 -18.03
C1D BLA C . -17.62 -15.13 -19.19
C2D BLA C . -17.19 -14.11 -20.02
C3D BLA C . -17.29 -12.91 -19.37
C4D BLA C . -17.85 -13.20 -18.11
CMD BLA C . -16.70 -14.30 -21.45
CAD BLA C . -16.93 -11.52 -19.88
CBD BLA C . -18.03 -10.74 -20.61
CGD BLA C . -17.42 -9.40 -21.01
O1D BLA C . -16.89 -9.32 -22.14
O2D BLA C . -17.47 -8.49 -20.15
CHA BLA D . 6.30 23.40 12.64
NA BLA D . 7.91 23.69 10.81
C1A BLA D . 6.74 23.36 11.33
C2A BLA D . 5.93 22.88 10.29
C3A BLA D . 6.72 22.96 9.14
C4A BLA D . 7.96 23.49 9.49
CMA BLA D . 6.20 22.51 7.77
CAA BLA D . 4.50 22.38 10.39
CBA BLA D . 3.49 23.51 10.13
CGA BLA D . 3.58 24.13 8.72
O1A BLA D . 4.36 25.10 8.56
O2A BLA D . 2.89 23.62 7.82
CHB BLA D . 9.23 23.81 8.68
NB BLA D . 8.00 24.59 6.55
C1B BLA D . 9.01 23.97 7.17
C2B BLA D . 9.87 23.48 6.19
C3B BLA D . 9.35 23.81 4.97
C4B BLA D . 8.17 24.50 5.22
CMB BLA D . 11.17 22.71 6.45
OB BLA D . 7.40 24.96 4.38
CAB BLA D . 9.94 23.48 3.74
CBB BLA D . 9.38 23.83 2.53
NC BLA D . 11.34 26.34 13.07
C1C BLA D . 12.60 26.65 12.77
C2C BLA D . 13.44 26.36 13.82
C3C BLA D . 12.64 25.82 14.83
C4C BLA D . 11.34 25.82 14.32
CMC BLA D . 14.95 26.58 13.85
OC BLA D . 13.00 27.14 11.71
CAC BLA D . 13.01 25.33 16.24
CBC BLA D . 14.16 24.32 16.34
CHD BLA D . 10.22 25.31 15.23
ND BLA D . 8.42 24.38 13.50
C1D BLA D . 8.91 24.70 14.71
C2D BLA D . 7.95 24.36 15.61
C3D BLA D . 6.85 23.84 14.96
C4D BLA D . 7.17 23.90 13.62
CMD BLA D . 8.12 24.55 17.13
CAD BLA D . 5.57 23.34 15.70
CBD BLA D . 4.69 24.48 16.19
CGD BLA D . 3.45 23.96 16.94
O1D BLA D . 3.12 24.57 17.96
O2D BLA D . 2.89 22.93 16.47
#